data_8HMM
#
_entry.id   8HMM
#
_cell.length_a   61.670
_cell.length_b   95.868
_cell.length_c   111.490
_cell.angle_alpha   90.000
_cell.angle_beta   90.000
_cell.angle_gamma   90.000
#
_symmetry.space_group_name_H-M   'P 21 21 21'
#
loop_
_entity.id
_entity.type
_entity.pdbx_description
1 polymer 'Bac_rhamnosid6H domain-containing protein'
2 non-polymer 2-acetamido-2-deoxy-beta-D-glucopyranose
3 water water
#
_entity_poly.entity_id   1
_entity_poly.type   'polypeptide(L)'
_entity_poly.pdbx_seq_one_letter_code
;VPYNEYILAPASRHLVPFEVLEVNGSVTDPSSLTQSTGGNATFNGPASVTFDFGRNIAGIVSLDIGSSSTRDAFIGVTFT
ESSLWISSQACDATADSGLDSPLWFPVGRGAGTYTADKKHNRGAFRYMTLVTNTTAVVSVRNVQINYTAAPSQDLRAYTG
YFHSNDELLNRVWYAGAYTNQICTIDPSTGDALPFLGVISSDSNITLPETNPWYSNYTISNGSSTLTDGAKRDRLIWPGD
MSIALESVSVSTADLYSVRTALETLLSQQRSDGRLPYASEPFLDLVSYTYHLHSLIGVSYYYRHSGDRAWLSKYWGQYQK
GLQWALSSVDNTGLANITASSDWLRFGMGGHNIEANAILYFVLNEAQELSQAINNHTNANWTKIASGIKSATNKNLWDAN
NGLYKDNETTTLYPQDGNAWAIKANLTLSTNQSSTISSALSSRWGNYGAPAPEAADAVSPFIGGFEIQAHFLANQPQKAL
DLIRLQWGFMLDDPRMTNSTFIEGYSTDGTLHYAPYTNDARVSHAHGWSTGPTAALSFFVAGLHLTGSAGATWRFAPQPG
DLTSVDAGYTTALGLFSTTFKRSENGDYQELTFTTPQGTTGDVDLAGAEGTLVSADGERVFLVKGTATGITGGSWNLEVA
SQ
;
_entity_poly.pdbx_strand_id   A
#
# COMPACT_ATOMS: atom_id res chain seq x y z
N VAL A 1 19.86 -5.17 9.82
CA VAL A 1 18.61 -5.54 9.18
C VAL A 1 18.34 -7.04 9.34
N PRO A 2 17.53 -7.36 10.36
CA PRO A 2 17.13 -8.75 10.61
C PRO A 2 16.18 -9.26 9.54
N TYR A 3 16.23 -10.57 9.32
CA TYR A 3 15.34 -11.24 8.36
C TYR A 3 15.44 -10.61 6.98
N ASN A 4 16.65 -10.18 6.63
CA ASN A 4 16.92 -9.63 5.30
C ASN A 4 16.78 -10.68 4.21
N GLU A 5 16.80 -11.97 4.57
CA GLU A 5 16.55 -13.02 3.59
C GLU A 5 15.15 -12.91 3.01
N TYR A 6 14.19 -12.39 3.80
CA TYR A 6 12.83 -12.19 3.33
C TYR A 6 12.66 -10.93 2.51
N ILE A 7 13.66 -10.05 2.48
CA ILE A 7 13.54 -8.80 1.74
C ILE A 7 13.61 -9.09 0.25
N LEU A 8 12.59 -8.63 -0.49
CA LEU A 8 12.50 -8.86 -1.92
C LEU A 8 13.07 -7.72 -2.75
N ALA A 9 13.65 -6.70 -2.11
CA ALA A 9 14.24 -5.58 -2.81
C ALA A 9 15.58 -5.97 -3.42
N PRO A 10 15.94 -5.37 -4.56
CA PRO A 10 17.18 -5.77 -5.25
C PRO A 10 18.43 -5.25 -4.56
N ALA A 11 19.47 -6.09 -4.56
CA ALA A 11 20.77 -5.69 -4.03
C ALA A 11 21.57 -4.81 -4.98
N SER A 12 21.18 -4.77 -6.26
CA SER A 12 21.81 -3.90 -7.23
C SER A 12 20.74 -3.18 -8.03
N ARG A 13 21.12 -2.06 -8.64
CA ARG A 13 20.24 -1.31 -9.52
C ARG A 13 20.48 -1.63 -10.99
N HIS A 14 21.28 -2.64 -11.28
CA HIS A 14 21.53 -3.10 -12.65
C HIS A 14 21.29 -4.60 -12.67
N LEU A 15 20.14 -5.01 -13.20
CA LEU A 15 19.61 -6.36 -13.02
C LEU A 15 19.62 -7.12 -14.34
N VAL A 16 20.01 -8.38 -14.26
CA VAL A 16 20.11 -9.29 -15.39
C VAL A 16 18.96 -10.30 -15.25
N PRO A 17 18.33 -10.74 -16.35
CA PRO A 17 17.22 -11.69 -16.22
C PRO A 17 17.63 -12.95 -15.47
N PHE A 18 16.74 -13.40 -14.58
CA PHE A 18 17.01 -14.51 -13.67
C PHE A 18 16.73 -15.86 -14.31
N GLU A 19 15.67 -15.98 -15.10
CA GLU A 19 15.36 -17.27 -15.70
C GLU A 19 14.70 -17.07 -17.05
N VAL A 20 14.69 -18.15 -17.84
CA VAL A 20 14.18 -18.17 -19.20
C VAL A 20 12.87 -18.94 -19.18
N LEU A 21 11.75 -18.26 -19.43
CA LEU A 21 10.45 -18.94 -19.40
C LEU A 21 10.17 -19.63 -20.73
N GLU A 22 9.93 -18.85 -21.79
CA GLU A 22 9.47 -19.38 -23.06
C GLU A 22 10.34 -18.85 -24.20
N VAL A 23 10.79 -19.74 -25.08
CA VAL A 23 11.52 -19.39 -26.28
C VAL A 23 10.71 -19.86 -27.48
N ASN A 24 10.15 -18.92 -28.23
CA ASN A 24 9.49 -19.20 -29.50
C ASN A 24 10.38 -18.71 -30.63
N GLY A 25 10.66 -19.59 -31.59
CA GLY A 25 11.61 -19.30 -32.63
C GLY A 25 12.95 -19.95 -32.39
N SER A 26 13.97 -19.41 -33.06
CA SER A 26 15.33 -19.96 -33.02
C SER A 26 16.25 -18.97 -32.35
N VAL A 27 16.62 -19.24 -31.10
CA VAL A 27 17.67 -18.52 -30.39
C VAL A 27 18.59 -19.57 -29.79
N THR A 28 19.87 -19.53 -30.16
CA THR A 28 20.75 -20.65 -29.86
C THR A 28 21.01 -20.78 -28.36
N ASP A 29 21.44 -19.71 -27.70
CA ASP A 29 21.78 -19.74 -26.28
C ASP A 29 21.08 -18.60 -25.55
N PRO A 30 19.77 -18.73 -25.31
CA PRO A 30 19.06 -17.63 -24.64
C PRO A 30 19.44 -17.46 -23.19
N SER A 31 19.73 -18.56 -22.48
CA SER A 31 20.10 -18.50 -21.07
C SER A 31 21.46 -17.88 -20.84
N SER A 32 22.19 -17.52 -21.89
CA SER A 32 23.44 -16.78 -21.71
C SER A 32 23.18 -15.40 -21.12
N LEU A 33 22.00 -14.83 -21.38
CA LEU A 33 21.61 -13.55 -20.82
C LEU A 33 21.12 -13.66 -19.38
N THR A 34 21.13 -14.86 -18.80
CA THR A 34 20.79 -15.09 -17.41
C THR A 34 21.96 -14.81 -16.48
N GLN A 35 23.16 -14.59 -17.02
CA GLN A 35 24.37 -14.45 -16.24
C GLN A 35 24.87 -13.02 -16.24
N SER A 36 25.52 -12.63 -15.14
CA SER A 36 25.97 -11.25 -14.97
C SER A 36 27.22 -10.96 -15.79
N THR A 37 28.05 -11.97 -16.05
CA THR A 37 29.29 -11.76 -16.77
C THR A 37 29.36 -12.63 -18.02
N GLY A 38 28.31 -12.59 -18.84
CA GLY A 38 28.32 -13.36 -20.07
C GLY A 38 27.17 -12.95 -20.96
N GLY A 39 27.06 -13.64 -22.08
CA GLY A 39 25.96 -13.40 -23.00
C GLY A 39 26.33 -13.41 -24.46
N ASN A 40 25.80 -14.40 -25.19
CA ASN A 40 25.78 -14.39 -26.65
C ASN A 40 24.56 -15.19 -27.08
N ALA A 41 23.39 -14.59 -26.91
CA ALA A 41 22.14 -15.16 -27.39
C ALA A 41 21.93 -14.70 -28.83
N THR A 42 21.93 -15.66 -29.75
CA THR A 42 21.86 -15.36 -31.18
C THR A 42 20.44 -15.63 -31.66
N PHE A 43 19.67 -14.56 -31.86
CA PHE A 43 18.32 -14.66 -32.41
C PHE A 43 18.42 -14.91 -33.91
N ASN A 44 18.09 -16.12 -34.34
CA ASN A 44 18.18 -16.50 -35.76
C ASN A 44 16.83 -16.26 -36.43
N GLY A 45 16.61 -15.01 -36.84
CA GLY A 45 15.39 -14.65 -37.53
C GLY A 45 14.31 -14.22 -36.55
N PRO A 46 13.06 -14.22 -37.01
CA PRO A 46 11.95 -13.81 -36.13
C PRO A 46 11.77 -14.79 -34.99
N ALA A 47 11.93 -14.29 -33.76
CA ALA A 47 11.89 -15.15 -32.58
C ALA A 47 11.57 -14.30 -31.36
N SER A 48 11.25 -14.98 -30.26
CA SER A 48 10.90 -14.33 -29.01
C SER A 48 11.43 -15.15 -27.85
N VAL A 49 12.01 -14.48 -26.86
CA VAL A 49 12.50 -15.13 -25.64
C VAL A 49 11.90 -14.40 -24.44
N THR A 50 10.97 -15.05 -23.76
CA THR A 50 10.40 -14.52 -22.53
C THR A 50 11.34 -14.81 -21.36
N PHE A 51 11.57 -13.81 -20.51
CA PHE A 51 12.39 -13.94 -19.33
C PHE A 51 11.55 -13.75 -18.08
N ASP A 52 12.04 -14.30 -16.96
CA ASP A 52 11.43 -14.13 -15.66
C ASP A 52 12.48 -13.59 -14.69
N PHE A 53 12.21 -12.44 -14.09
CA PHE A 53 13.08 -11.87 -13.07
C PHE A 53 12.78 -12.41 -11.68
N GLY A 54 11.74 -13.23 -11.54
CA GLY A 54 11.38 -13.80 -10.26
C GLY A 54 10.62 -12.89 -9.32
N ARG A 55 10.45 -11.62 -9.69
CA ARG A 55 9.81 -10.64 -8.83
C ARG A 55 9.45 -9.43 -9.68
N ASN A 56 8.46 -8.68 -9.22
CA ASN A 56 8.13 -7.42 -9.87
C ASN A 56 9.28 -6.44 -9.69
N ILE A 57 9.77 -5.88 -10.80
CA ILE A 57 10.84 -4.89 -10.79
C ILE A 57 10.46 -3.74 -11.71
N ALA A 58 11.28 -2.70 -11.70
CA ALA A 58 11.05 -1.50 -12.49
C ALA A 58 12.38 -0.98 -13.00
N GLY A 59 12.39 -0.40 -14.19
CA GLY A 59 13.59 0.24 -14.67
C GLY A 59 13.58 0.48 -16.17
N ILE A 60 14.78 0.81 -16.66
CA ILE A 60 15.01 1.21 -18.04
C ILE A 60 15.88 0.15 -18.71
N VAL A 61 15.41 -0.37 -19.84
CA VAL A 61 16.07 -1.52 -20.48
C VAL A 61 17.25 -1.05 -21.31
N SER A 62 18.33 -1.83 -21.27
CA SER A 62 19.58 -1.59 -21.99
C SER A 62 19.98 -2.87 -22.71
N LEU A 63 20.25 -2.82 -24.01
CA LEU A 63 20.68 -3.99 -24.76
C LEU A 63 22.05 -3.72 -25.37
N ASP A 64 22.99 -4.64 -25.13
CA ASP A 64 24.28 -4.64 -25.80
C ASP A 64 24.21 -5.61 -26.97
N ILE A 65 24.37 -5.09 -28.18
CA ILE A 65 24.24 -5.87 -29.40
C ILE A 65 25.63 -6.05 -30.01
N GLY A 66 25.96 -7.28 -30.37
CA GLY A 66 27.27 -7.58 -30.89
C GLY A 66 27.28 -7.76 -32.40
N SER A 67 26.31 -8.49 -32.92
CA SER A 67 26.29 -8.85 -34.33
C SER A 67 24.87 -8.74 -34.87
N SER A 68 24.73 -8.19 -36.07
CA SER A 68 23.46 -8.12 -36.76
C SER A 68 23.69 -8.34 -38.25
N SER A 69 22.99 -9.32 -38.83
CA SER A 69 23.22 -9.66 -40.22
C SER A 69 22.81 -8.53 -41.17
N THR A 70 21.71 -7.84 -40.86
CA THR A 70 21.03 -6.81 -41.63
C THR A 70 21.20 -5.46 -40.94
N ARG A 71 21.19 -4.36 -41.68
CA ARG A 71 21.12 -3.03 -41.06
C ARG A 71 19.70 -2.61 -40.74
N ASP A 72 18.70 -3.39 -41.15
CA ASP A 72 17.30 -3.11 -40.86
C ASP A 72 16.76 -3.99 -39.74
N ALA A 73 17.64 -4.57 -38.93
CA ALA A 73 17.24 -5.45 -37.84
C ALA A 73 16.68 -4.65 -36.67
N PHE A 74 15.73 -5.28 -35.97
CA PHE A 74 15.05 -4.65 -34.84
C PHE A 74 14.94 -5.66 -33.70
N ILE A 75 15.10 -5.19 -32.48
CA ILE A 75 14.83 -5.97 -31.27
C ILE A 75 13.77 -5.25 -30.47
N GLY A 76 12.70 -5.96 -30.14
CA GLY A 76 11.61 -5.40 -29.35
C GLY A 76 11.65 -5.91 -27.93
N VAL A 77 11.18 -5.07 -27.00
CA VAL A 77 11.12 -5.41 -25.58
C VAL A 77 9.69 -5.19 -25.11
N THR A 78 9.12 -6.20 -24.45
CA THR A 78 7.81 -6.09 -23.82
C THR A 78 7.93 -6.43 -22.33
N PHE A 79 6.96 -5.92 -21.56
CA PHE A 79 6.96 -6.06 -20.11
C PHE A 79 5.57 -6.41 -19.61
N THR A 80 5.49 -7.23 -18.56
CA THR A 80 4.23 -7.53 -17.91
C THR A 80 4.49 -7.97 -16.47
N GLU A 81 3.61 -7.55 -15.55
CA GLU A 81 3.71 -8.00 -14.18
C GLU A 81 3.11 -9.38 -13.99
N SER A 82 2.04 -9.70 -14.70
CA SER A 82 1.33 -10.96 -14.59
C SER A 82 1.73 -11.91 -15.72
N SER A 83 1.67 -13.20 -15.45
CA SER A 83 1.87 -14.20 -16.49
C SER A 83 0.76 -14.17 -17.53
N LEU A 84 -0.39 -13.59 -17.19
CA LEU A 84 -1.53 -13.58 -18.11
C LEU A 84 -1.24 -12.80 -19.37
N TRP A 85 -0.38 -11.78 -19.29
CA TRP A 85 -0.19 -10.83 -20.37
C TRP A 85 1.22 -10.89 -20.95
N ILE A 86 1.81 -12.08 -20.98
CA ILE A 86 3.09 -12.30 -21.64
C ILE A 86 2.84 -12.41 -23.13
N SER A 87 3.45 -11.52 -23.91
CA SER A 87 3.25 -11.56 -25.35
C SER A 87 4.42 -10.88 -26.05
N SER A 88 4.85 -11.48 -27.17
CA SER A 88 5.84 -10.85 -28.03
C SER A 88 5.27 -9.67 -28.79
N GLN A 89 3.93 -9.63 -28.96
CA GLN A 89 3.31 -8.58 -29.77
C GLN A 89 3.02 -7.31 -28.99
N ALA A 90 2.93 -7.38 -27.66
CA ALA A 90 2.55 -6.20 -26.87
C ALA A 90 2.92 -6.43 -25.41
N CYS A 91 2.82 -5.34 -24.63
CA CYS A 91 3.12 -5.31 -23.22
C CYS A 91 1.84 -5.50 -22.40
N ASP A 92 1.90 -5.14 -21.12
CA ASP A 92 0.72 -4.94 -20.29
C ASP A 92 -0.06 -3.73 -20.77
N ALA A 93 -0.90 -3.17 -19.91
CA ALA A 93 -1.69 -2.00 -20.25
C ALA A 93 -1.53 -0.93 -19.18
N THR A 94 -1.34 0.31 -19.62
CA THR A 94 -1.39 1.47 -18.75
C THR A 94 -2.49 2.43 -19.15
N ALA A 95 -3.23 2.13 -20.21
CA ALA A 95 -4.32 2.96 -20.70
C ALA A 95 -5.65 2.27 -20.44
N ASP A 96 -6.72 3.07 -20.48
CA ASP A 96 -8.06 2.54 -20.22
C ASP A 96 -8.52 1.59 -21.32
N SER A 97 -7.81 1.50 -22.43
CA SER A 97 -8.09 0.51 -23.46
C SER A 97 -6.81 0.24 -24.25
N GLY A 98 -6.55 -1.04 -24.51
CA GLY A 98 -5.41 -1.41 -25.33
C GLY A 98 -4.15 -1.73 -24.56
N LEU A 99 -3.44 -2.77 -25.00
CA LEU A 99 -2.14 -3.10 -24.42
C LEU A 99 -1.06 -2.21 -25.00
N ASP A 100 0.02 -2.03 -24.25
CA ASP A 100 1.06 -1.10 -24.64
C ASP A 100 1.98 -1.69 -25.70
N SER A 101 2.57 -0.81 -26.50
CA SER A 101 3.44 -1.20 -27.60
C SER A 101 4.71 -1.88 -27.07
N PRO A 102 5.34 -2.73 -27.87
CA PRO A 102 6.70 -3.16 -27.54
C PRO A 102 7.68 -2.00 -27.73
N LEU A 103 8.68 -1.95 -26.85
CA LEU A 103 9.77 -1.02 -27.02
C LEU A 103 10.68 -1.51 -28.13
N TRP A 104 10.81 -0.73 -29.19
CA TRP A 104 11.53 -1.16 -30.39
C TRP A 104 12.88 -0.47 -30.47
N PHE A 105 13.92 -1.25 -30.77
CA PHE A 105 15.28 -0.76 -30.85
C PHE A 105 15.86 -1.11 -32.22
N PRO A 106 16.38 -0.13 -32.97
CA PRO A 106 17.00 -0.41 -34.28
C PRO A 106 18.41 -0.95 -34.14
N VAL A 107 18.50 -2.21 -33.72
CA VAL A 107 19.79 -2.82 -33.41
C VAL A 107 20.63 -3.11 -34.65
N GLY A 108 20.04 -3.05 -35.85
CA GLY A 108 20.81 -3.28 -37.05
C GLY A 108 21.67 -2.12 -37.48
N ARG A 109 21.40 -0.92 -36.97
CA ARG A 109 22.21 0.24 -37.32
C ARG A 109 23.68 0.04 -36.92
N GLY A 110 23.93 -0.67 -35.84
CA GLY A 110 25.30 -0.98 -35.46
C GLY A 110 25.35 -1.68 -34.12
N ALA A 111 26.49 -2.33 -33.89
CA ALA A 111 26.73 -2.96 -32.60
C ALA A 111 26.98 -1.91 -31.54
N GLY A 112 26.46 -2.16 -30.35
CA GLY A 112 26.67 -1.24 -29.24
C GLY A 112 25.50 -1.30 -28.27
N THR A 113 25.56 -0.40 -27.29
CA THR A 113 24.55 -0.32 -26.25
C THR A 113 23.32 0.43 -26.77
N TYR A 114 22.15 -0.15 -26.55
CA TYR A 114 20.87 0.48 -26.92
C TYR A 114 20.04 0.64 -25.64
N THR A 115 19.95 1.87 -25.14
CA THR A 115 19.28 2.17 -23.89
C THR A 115 17.97 2.90 -24.16
N ALA A 116 16.94 2.60 -23.37
CA ALA A 116 15.65 3.22 -23.53
C ALA A 116 15.61 4.60 -22.89
N ASP A 117 14.63 5.39 -23.30
CA ASP A 117 14.39 6.69 -22.69
C ASP A 117 13.92 6.54 -21.25
N LYS A 118 14.13 7.58 -20.45
CA LYS A 118 13.55 7.60 -19.12
C LYS A 118 12.03 7.65 -19.15
N LYS A 119 11.45 8.18 -20.24
CA LYS A 119 10.00 8.15 -20.38
C LYS A 119 9.50 6.73 -20.60
N HIS A 120 10.32 5.85 -21.18
CA HIS A 120 9.96 4.46 -21.40
C HIS A 120 10.47 3.56 -20.27
N ASN A 121 10.76 4.13 -19.12
CA ASN A 121 10.90 3.34 -17.89
C ASN A 121 9.59 2.61 -17.63
N ARG A 122 9.68 1.32 -17.34
CA ARG A 122 8.52 0.50 -17.01
C ARG A 122 8.40 0.44 -15.50
N GLY A 123 7.25 0.85 -14.97
CA GLY A 123 7.11 1.02 -13.54
C GLY A 123 7.01 -0.29 -12.77
N ALA A 124 6.57 -1.36 -13.43
CA ALA A 124 6.42 -2.65 -12.74
C ALA A 124 6.29 -3.74 -13.77
N PHE A 125 7.18 -4.75 -13.69
CA PHE A 125 7.13 -5.89 -14.58
C PHE A 125 7.97 -7.01 -13.99
N ARG A 126 7.41 -8.23 -13.97
CA ARG A 126 8.17 -9.40 -13.56
C ARG A 126 8.74 -10.16 -14.75
N TYR A 127 8.00 -10.22 -15.86
CA TYR A 127 8.40 -10.96 -17.05
C TYR A 127 8.70 -9.99 -18.18
N MET A 128 9.82 -10.20 -18.87
CA MET A 128 10.25 -9.36 -19.97
C MET A 128 10.54 -10.23 -21.18
N THR A 129 10.01 -9.85 -22.34
CA THR A 129 10.15 -10.62 -23.58
C THR A 129 10.90 -9.81 -24.62
N LEU A 130 11.92 -10.43 -25.22
CA LEU A 130 12.66 -9.86 -26.33
C LEU A 130 12.20 -10.54 -27.62
N VAL A 131 11.86 -9.73 -28.63
CA VAL A 131 11.34 -10.25 -29.89
C VAL A 131 12.12 -9.63 -31.04
N THR A 132 12.20 -10.38 -32.15
CA THR A 132 12.88 -9.94 -33.36
C THR A 132 11.89 -9.84 -34.50
N ASN A 133 11.89 -8.69 -35.18
CA ASN A 133 10.89 -8.39 -36.21
C ASN A 133 11.30 -8.86 -37.60
N THR A 134 12.58 -9.11 -37.84
CA THR A 134 13.11 -9.29 -39.19
C THR A 134 13.73 -10.67 -39.34
N THR A 135 14.25 -10.92 -40.55
CA THR A 135 14.97 -12.15 -40.88
C THR A 135 16.44 -12.11 -40.45
N ALA A 136 16.85 -11.06 -39.75
CA ALA A 136 18.25 -10.90 -39.37
C ALA A 136 18.67 -11.91 -38.31
N VAL A 137 19.97 -12.17 -38.28
CA VAL A 137 20.59 -12.96 -37.23
C VAL A 137 21.31 -11.98 -36.31
N VAL A 138 20.81 -11.80 -35.10
CA VAL A 138 21.28 -10.78 -34.18
C VAL A 138 21.83 -11.44 -32.93
N SER A 139 23.03 -11.04 -32.53
CA SER A 139 23.69 -11.49 -31.31
C SER A 139 23.43 -10.47 -30.20
N VAL A 140 22.86 -10.92 -29.08
CA VAL A 140 22.63 -10.07 -27.92
C VAL A 140 23.69 -10.39 -26.89
N ARG A 141 24.57 -9.43 -26.62
CA ARG A 141 25.61 -9.62 -25.63
C ARG A 141 25.06 -9.55 -24.21
N ASN A 142 24.05 -8.72 -23.98
CA ASN A 142 23.59 -8.44 -22.63
C ASN A 142 22.24 -7.75 -22.70
N VAL A 143 21.37 -8.05 -21.74
CA VAL A 143 20.14 -7.31 -21.52
C VAL A 143 20.04 -7.04 -20.03
N GLN A 144 19.96 -5.76 -19.65
CA GLN A 144 19.93 -5.41 -18.25
C GLN A 144 18.93 -4.30 -18.02
N ILE A 145 18.45 -4.22 -16.77
CA ILE A 145 17.46 -3.26 -16.34
C ILE A 145 18.08 -2.36 -15.29
N ASN A 146 17.82 -1.06 -15.40
CA ASN A 146 18.33 -0.07 -14.43
C ASN A 146 17.22 0.23 -13.44
N TYR A 147 17.30 -0.39 -12.26
CA TYR A 147 16.24 -0.28 -11.26
C TYR A 147 16.05 1.16 -10.81
N THR A 148 14.88 1.72 -11.10
CA THR A 148 14.60 3.13 -10.87
C THR A 148 13.72 3.39 -9.65
N ALA A 149 13.08 2.37 -9.10
CA ALA A 149 12.18 2.57 -7.96
C ALA A 149 12.98 2.81 -6.69
N ALA A 150 12.35 3.50 -5.74
CA ALA A 150 12.97 3.93 -4.49
C ALA A 150 14.35 4.55 -4.77
N PRO A 151 14.40 5.64 -5.55
CA PRO A 151 15.71 6.12 -6.02
C PRO A 151 16.63 6.57 -4.90
N SER A 152 16.10 7.21 -3.86
CA SER A 152 16.91 7.79 -2.80
C SER A 152 17.02 6.87 -1.59
N GLN A 153 16.77 5.58 -1.75
CA GLN A 153 16.84 4.62 -0.68
C GLN A 153 18.04 3.69 -0.86
N ASP A 154 18.53 3.17 0.25
CA ASP A 154 19.24 1.90 0.24
C ASP A 154 18.18 0.81 0.25
N LEU A 155 18.01 0.14 -0.90
CA LEU A 155 16.81 -0.65 -1.15
C LEU A 155 16.58 -1.70 -0.06
N ARG A 156 17.65 -2.32 0.42
CA ARG A 156 17.54 -3.41 1.38
C ARG A 156 17.89 -2.99 2.81
N ALA A 157 18.07 -1.71 3.06
CA ALA A 157 18.41 -1.23 4.40
C ALA A 157 17.13 -0.94 5.19
N TYR A 158 16.48 -2.03 5.59
CA TYR A 158 15.18 -1.94 6.25
C TYR A 158 15.34 -1.50 7.70
N THR A 159 14.56 -0.50 8.11
CA THR A 159 14.50 -0.09 9.50
C THR A 159 13.60 -0.98 10.34
N GLY A 160 12.81 -1.86 9.71
CA GLY A 160 11.88 -2.69 10.44
C GLY A 160 11.94 -4.12 9.97
N TYR A 161 11.38 -5.01 10.81
CA TYR A 161 11.44 -6.44 10.58
C TYR A 161 10.26 -7.11 11.26
N PHE A 162 9.83 -8.25 10.71
CA PHE A 162 8.77 -9.05 11.30
C PHE A 162 9.01 -10.51 10.97
N HIS A 163 9.04 -11.36 12.01
CA HIS A 163 9.15 -12.80 11.85
C HIS A 163 8.20 -13.49 12.81
N SER A 164 7.52 -14.52 12.31
CA SER A 164 6.58 -15.29 13.11
C SER A 164 6.71 -16.76 12.71
N ASN A 165 5.89 -17.61 13.34
CA ASN A 165 5.88 -19.02 12.98
C ASN A 165 5.14 -19.28 11.68
N ASP A 166 4.25 -18.38 11.26
CA ASP A 166 3.57 -18.49 9.98
C ASP A 166 4.41 -17.77 8.93
N GLU A 167 5.01 -18.54 8.02
CA GLU A 167 5.85 -17.94 6.99
C GLU A 167 5.05 -17.18 5.95
N LEU A 168 3.76 -17.53 5.77
CA LEU A 168 2.92 -16.76 4.86
C LEU A 168 2.74 -15.34 5.35
N LEU A 169 2.53 -15.17 6.66
CA LEU A 169 2.44 -13.83 7.24
C LEU A 169 3.77 -13.09 7.11
N ASN A 170 4.88 -13.79 7.35
CA ASN A 170 6.19 -13.17 7.21
C ASN A 170 6.44 -12.75 5.77
N ARG A 171 5.98 -13.55 4.80
CA ARG A 171 6.18 -13.21 3.41
C ARG A 171 5.25 -12.09 2.96
N VAL A 172 4.03 -12.04 3.51
CA VAL A 172 3.11 -10.95 3.20
C VAL A 172 3.67 -9.61 3.70
N TRP A 173 4.32 -9.65 4.87
CA TRP A 173 4.88 -8.44 5.45
C TRP A 173 5.93 -7.81 4.53
N TYR A 174 6.93 -8.59 4.12
CA TYR A 174 7.99 -8.08 3.27
C TYR A 174 7.53 -7.85 1.84
N ALA A 175 6.42 -8.48 1.42
CA ALA A 175 5.87 -8.19 0.10
C ALA A 175 5.23 -6.81 0.07
N GLY A 176 4.43 -6.48 1.08
CA GLY A 176 3.83 -5.16 1.15
C GLY A 176 4.86 -4.06 1.31
N ALA A 177 5.90 -4.32 2.11
CA ALA A 177 7.01 -3.38 2.21
C ALA A 177 7.64 -3.14 0.84
N TYR A 178 7.88 -4.20 0.08
CA TYR A 178 8.46 -4.06 -1.24
C TYR A 178 7.45 -3.49 -2.24
N THR A 179 6.16 -3.79 -2.05
CA THR A 179 5.14 -3.17 -2.88
C THR A 179 5.19 -1.66 -2.76
N ASN A 180 5.47 -1.14 -1.55
CA ASN A 180 5.46 0.30 -1.35
C ASN A 180 6.68 0.95 -1.97
N GLN A 181 7.86 0.34 -1.80
CA GLN A 181 9.06 0.97 -2.34
C GLN A 181 9.15 0.85 -3.86
N ILE A 182 8.37 -0.04 -4.48
CA ILE A 182 8.35 -0.09 -5.94
C ILE A 182 7.40 0.94 -6.54
N CYS A 183 6.38 1.38 -5.78
CA CYS A 183 5.59 2.53 -6.20
C CYS A 183 6.16 3.83 -5.67
N THR A 184 7.33 3.78 -5.04
CA THR A 184 8.08 4.97 -4.67
C THR A 184 9.00 5.31 -5.83
N ILE A 185 8.75 6.46 -6.46
CA ILE A 185 9.27 6.73 -7.80
C ILE A 185 10.09 8.02 -7.80
N ASP A 186 10.86 8.19 -8.87
CA ASP A 186 11.48 9.48 -9.17
C ASP A 186 10.41 10.37 -9.80
N PRO A 187 10.11 11.52 -9.20
CA PRO A 187 8.93 12.30 -9.65
C PRO A 187 9.00 12.68 -11.12
N SER A 188 10.17 12.66 -11.74
CA SER A 188 10.29 12.97 -13.16
C SER A 188 9.60 11.93 -14.04
N THR A 189 9.30 10.76 -13.50
CA THR A 189 8.71 9.67 -14.27
C THR A 189 7.27 9.37 -13.83
N GLY A 190 6.48 10.42 -13.59
CA GLY A 190 5.13 10.27 -13.13
C GLY A 190 4.11 10.28 -14.27
N ASP A 191 2.84 10.14 -13.88
CA ASP A 191 1.72 10.07 -14.83
C ASP A 191 1.96 9.04 -15.92
N ALA A 192 1.74 7.77 -15.61
CA ALA A 192 1.74 6.73 -16.63
C ALA A 192 0.49 6.75 -17.48
N LEU A 193 -0.34 7.78 -17.30
CA LEU A 193 -1.57 7.98 -18.07
C LEU A 193 -1.40 9.15 -19.02
N PRO A 194 -0.62 9.00 -20.09
CA PRO A 194 -0.42 10.13 -21.01
C PRO A 194 -1.64 10.44 -21.84
N PHE A 195 -2.58 9.50 -21.95
CA PHE A 195 -3.73 9.63 -22.83
C PHE A 195 -5.04 9.69 -22.06
N LEU A 196 -4.98 10.19 -20.83
CA LEU A 196 -6.17 10.58 -20.09
C LEU A 196 -6.97 11.59 -20.90
N GLY A 197 -8.21 11.23 -21.22
CA GLY A 197 -9.03 12.06 -22.08
C GLY A 197 -9.09 11.51 -23.49
N VAL A 198 -7.93 11.16 -24.05
CA VAL A 198 -7.85 10.60 -25.39
C VAL A 198 -8.44 9.19 -25.38
N ILE A 199 -7.70 8.25 -24.80
CA ILE A 199 -8.13 6.85 -24.74
C ILE A 199 -9.06 6.66 -23.56
N SER A 200 -10.24 6.09 -23.82
CA SER A 200 -11.22 5.87 -22.77
C SER A 200 -11.70 4.42 -22.79
N SER A 201 -12.65 4.12 -21.89
CA SER A 201 -13.15 2.76 -21.74
C SER A 201 -13.74 2.24 -23.05
N ASP A 202 -14.51 3.09 -23.74
CA ASP A 202 -15.25 2.66 -24.92
C ASP A 202 -14.43 2.72 -26.21
N SER A 203 -13.37 3.53 -26.24
CA SER A 203 -12.27 3.25 -27.14
C SER A 203 -11.97 1.76 -27.06
N ASN A 204 -11.94 1.10 -28.22
CA ASN A 204 -11.72 -0.37 -28.14
C ASN A 204 -10.47 -0.74 -28.90
N ILE A 205 -9.34 -0.29 -28.36
CA ILE A 205 -8.07 -0.62 -29.09
C ILE A 205 -7.85 -2.10 -28.87
N THR A 206 -7.56 -2.78 -29.98
CA THR A 206 -7.73 -4.24 -30.13
C THR A 206 -6.63 -4.95 -30.92
N LEU A 207 -6.40 -6.23 -30.72
CA LEU A 207 -5.64 -7.13 -31.64
C LEU A 207 -4.34 -6.51 -32.16
N PRO A 208 -4.03 -6.29 -33.46
CA PRO A 208 -2.69 -5.85 -33.83
C PRO A 208 -2.36 -4.44 -33.33
N GLU A 209 -3.36 -3.66 -32.89
CA GLU A 209 -3.05 -2.27 -32.49
C GLU A 209 -2.53 -2.24 -31.06
N THR A 210 -1.37 -1.60 -30.90
CA THR A 210 -0.80 -1.43 -29.56
C THR A 210 -0.81 0.08 -29.27
N ASN A 211 -0.50 0.46 -28.03
CA ASN A 211 -0.63 1.90 -27.66
C ASN A 211 0.72 2.48 -27.25
N PRO A 212 1.05 3.72 -27.65
CA PRO A 212 2.25 4.38 -27.14
C PRO A 212 2.15 4.64 -25.65
N TRP A 213 3.30 4.64 -24.98
CA TRP A 213 3.33 4.77 -23.54
C TRP A 213 4.57 5.52 -23.09
N TYR A 214 4.38 6.44 -22.15
CA TYR A 214 5.46 7.20 -21.54
C TYR A 214 4.96 7.76 -20.21
N SER A 215 5.89 8.29 -19.40
CA SER A 215 5.55 8.76 -18.07
C SER A 215 5.65 10.26 -17.99
N ASN A 216 6.84 10.84 -17.81
CA ASN A 216 7.13 12.25 -18.06
C ASN A 216 6.97 13.24 -16.92
N TYR A 217 5.78 13.26 -16.33
CA TYR A 217 5.32 14.42 -15.55
C TYR A 217 6.00 14.47 -14.20
N THR A 218 6.56 15.62 -13.86
CA THR A 218 7.14 15.86 -12.54
C THR A 218 5.99 16.17 -11.58
N ILE A 219 5.45 15.10 -10.99
CA ILE A 219 4.26 15.22 -10.15
C ILE A 219 4.55 15.79 -8.78
N SER A 220 5.81 15.95 -8.41
CA SER A 220 6.17 16.41 -7.08
C SER A 220 7.58 16.98 -7.12
N ASN A 221 7.91 17.76 -6.11
CA ASN A 221 9.28 18.20 -5.92
C ASN A 221 10.08 17.11 -5.20
N GLY A 222 11.39 17.31 -5.11
CA GLY A 222 12.23 16.41 -4.35
C GLY A 222 12.72 15.22 -5.14
N SER A 223 13.38 14.31 -4.42
CA SER A 223 14.05 13.18 -5.05
C SER A 223 13.11 12.01 -5.30
N SER A 224 12.08 11.84 -4.46
CA SER A 224 11.31 10.60 -4.45
C SER A 224 9.92 10.88 -3.92
N THR A 225 8.93 10.16 -4.45
CA THR A 225 7.55 10.30 -4.00
C THR A 225 6.85 8.95 -4.00
N LEU A 226 6.00 8.73 -3.01
CA LEU A 226 5.18 7.54 -2.96
C LEU A 226 3.94 7.73 -3.84
N THR A 227 3.67 6.77 -4.71
CA THR A 227 2.56 6.84 -5.63
C THR A 227 1.61 5.66 -5.39
N ASP A 228 0.48 5.69 -6.08
CA ASP A 228 -0.54 4.67 -5.88
C ASP A 228 -0.10 3.32 -6.44
N GLY A 229 0.37 3.31 -7.69
CA GLY A 229 0.76 2.08 -8.35
C GLY A 229 2.02 2.26 -9.18
N ALA A 230 2.87 1.25 -9.20
CA ALA A 230 4.18 1.38 -9.83
C ALA A 230 4.05 1.49 -11.35
N LYS A 231 3.34 0.56 -11.97
CA LYS A 231 3.26 0.54 -13.43
C LYS A 231 2.35 1.65 -13.95
N ARG A 232 1.19 1.82 -13.35
CA ARG A 232 0.15 2.63 -13.93
C ARG A 232 -0.36 3.67 -12.93
N ASP A 233 -0.87 4.77 -13.49
CA ASP A 233 -1.17 6.02 -12.80
C ASP A 233 0.11 6.74 -12.45
N ARG A 234 0.90 6.18 -11.53
CA ARG A 234 2.11 6.82 -11.03
C ARG A 234 1.81 8.25 -10.57
N LEU A 235 0.69 8.39 -9.86
CA LEU A 235 0.23 9.67 -9.34
C LEU A 235 0.14 9.58 -7.81
N ILE A 236 -0.05 10.74 -7.19
CA ILE A 236 -0.21 10.81 -5.74
C ILE A 236 -1.71 10.87 -5.45
N TRP A 237 -2.19 9.89 -4.69
CA TRP A 237 -3.59 9.79 -4.34
C TRP A 237 -3.75 9.83 -2.83
N PRO A 238 -4.63 10.69 -2.31
CA PRO A 238 -4.73 10.83 -0.85
C PRO A 238 -5.22 9.59 -0.14
N GLY A 239 -6.25 8.92 -0.68
CA GLY A 239 -6.82 7.78 0.02
C GLY A 239 -5.86 6.63 0.19
N ASP A 240 -5.01 6.41 -0.83
CA ASP A 240 -4.03 5.33 -0.75
C ASP A 240 -3.03 5.54 0.38
N MET A 241 -2.86 6.77 0.84
CA MET A 241 -1.85 7.07 1.86
C MET A 241 -2.24 6.53 3.22
N SER A 242 -3.54 6.39 3.50
CA SER A 242 -3.98 5.91 4.81
C SER A 242 -3.64 4.45 5.04
N ILE A 243 -3.13 3.75 4.04
CA ILE A 243 -2.57 2.42 4.22
C ILE A 243 -1.07 2.41 4.02
N ALA A 244 -0.57 3.14 3.02
CA ALA A 244 0.82 3.00 2.62
C ALA A 244 1.77 3.70 3.58
N LEU A 245 1.35 4.83 4.16
CA LEU A 245 2.22 5.61 5.03
C LEU A 245 2.75 4.75 6.18
N GLU A 246 1.84 4.15 6.95
CA GLU A 246 2.25 3.36 8.10
C GLU A 246 3.01 2.11 7.68
N SER A 247 2.63 1.51 6.55
CA SER A 247 3.36 0.35 6.03
C SER A 247 4.75 0.73 5.59
N VAL A 248 4.91 1.92 5.01
CA VAL A 248 6.24 2.45 4.71
C VAL A 248 6.98 2.75 6.01
N SER A 249 6.28 3.29 7.01
CA SER A 249 6.90 3.70 8.26
C SER A 249 7.58 2.53 8.96
N VAL A 250 6.91 1.38 9.01
CA VAL A 250 7.42 0.24 9.77
C VAL A 250 8.49 -0.55 9.03
N SER A 251 8.72 -0.26 7.75
CA SER A 251 9.67 -1.03 6.95
C SER A 251 10.93 -0.23 6.62
N THR A 252 10.79 0.90 5.93
CA THR A 252 11.94 1.63 5.41
C THR A 252 12.13 3.01 6.02
N ALA A 253 11.12 3.54 6.71
CA ALA A 253 11.15 4.91 7.25
C ALA A 253 11.36 5.95 6.16
N ASP A 254 10.93 5.65 4.94
CA ASP A 254 10.99 6.60 3.83
C ASP A 254 9.84 7.61 3.93
N LEU A 255 9.81 8.30 5.07
CA LEU A 255 8.85 9.38 5.26
C LEU A 255 9.16 10.58 4.37
N TYR A 256 10.36 10.64 3.80
CA TYR A 256 10.66 11.66 2.80
C TYR A 256 9.78 11.51 1.58
N SER A 257 9.62 10.27 1.09
CA SER A 257 8.76 10.02 -0.06
C SER A 257 7.30 10.30 0.27
N VAL A 258 6.89 10.09 1.52
CA VAL A 258 5.53 10.40 1.92
C VAL A 258 5.34 11.90 2.01
N ARG A 259 6.26 12.59 2.71
CA ARG A 259 6.18 14.04 2.82
C ARG A 259 6.18 14.70 1.44
N THR A 260 7.00 14.19 0.53
CA THR A 260 7.00 14.67 -0.84
C THR A 260 5.59 14.65 -1.42
N ALA A 261 4.88 13.55 -1.24
CA ALA A 261 3.56 13.38 -1.82
C ALA A 261 2.51 14.22 -1.09
N LEU A 262 2.59 14.29 0.25
CA LEU A 262 1.63 15.08 1.01
C LEU A 262 1.77 16.56 0.71
N GLU A 263 3.00 17.05 0.57
CA GLU A 263 3.20 18.47 0.30
C GLU A 263 2.75 18.84 -1.10
N THR A 264 2.79 17.89 -2.04
CA THR A 264 2.25 18.13 -3.37
C THR A 264 0.74 18.34 -3.31
N LEU A 265 0.04 17.50 -2.56
CA LEU A 265 -1.39 17.68 -2.39
C LEU A 265 -1.70 18.98 -1.64
N LEU A 266 -0.94 19.27 -0.58
CA LEU A 266 -1.18 20.47 0.21
C LEU A 266 -0.96 21.74 -0.61
N SER A 267 0.00 21.72 -1.53
CA SER A 267 0.25 22.88 -2.38
C SER A 267 -0.88 23.12 -3.35
N GLN A 268 -1.68 22.10 -3.67
CA GLN A 268 -2.79 22.22 -4.59
C GLN A 268 -4.13 22.35 -3.88
N GLN A 269 -4.13 22.80 -2.63
CA GLN A 269 -5.37 23.03 -1.90
C GLN A 269 -6.12 24.21 -2.52
N ARG A 270 -7.42 24.05 -2.71
CA ARG A 270 -8.21 25.08 -3.37
C ARG A 270 -8.54 26.22 -2.40
N SER A 271 -9.00 27.33 -2.99
CA SER A 271 -9.51 28.50 -2.30
C SER A 271 -10.44 28.11 -1.16
N ASP A 272 -11.34 27.17 -1.42
CA ASP A 272 -12.33 26.65 -0.49
C ASP A 272 -11.68 26.00 0.73
N GLY A 273 -10.45 25.52 0.58
CA GLY A 273 -9.85 24.61 1.52
C GLY A 273 -9.91 23.15 1.10
N ARG A 274 -10.48 22.86 -0.06
CA ARG A 274 -10.61 21.48 -0.51
C ARG A 274 -9.27 20.96 -0.99
N LEU A 275 -8.81 19.87 -0.37
CA LEU A 275 -7.64 19.15 -0.86
C LEU A 275 -8.02 18.29 -2.06
N PRO A 276 -7.11 18.10 -3.00
CA PRO A 276 -7.48 17.50 -4.30
C PRO A 276 -7.75 16.00 -4.22
N TYR A 277 -8.46 15.52 -5.25
CA TYR A 277 -8.75 14.10 -5.41
C TYR A 277 -7.49 13.32 -5.79
N ALA A 278 -6.56 13.96 -6.48
CA ALA A 278 -5.28 13.38 -6.86
C ALA A 278 -4.32 14.52 -7.16
N SER A 279 -3.10 14.19 -7.56
CA SER A 279 -2.14 15.25 -7.82
C SER A 279 -2.39 15.87 -9.19
N GLU A 280 -1.52 16.81 -9.57
CA GLU A 280 -1.92 17.87 -10.50
C GLU A 280 -2.43 17.36 -11.85
N PRO A 281 -1.72 16.51 -12.60
CA PRO A 281 -2.20 16.19 -13.96
C PRO A 281 -3.60 15.58 -14.01
N PHE A 282 -4.07 14.98 -12.92
CA PHE A 282 -5.36 14.30 -12.97
C PHE A 282 -6.52 15.30 -12.99
N LEU A 283 -7.71 14.78 -13.29
CA LEU A 283 -8.91 15.60 -13.45
C LEU A 283 -9.32 16.21 -12.11
N ASP A 284 -9.92 17.40 -12.18
CA ASP A 284 -10.39 18.12 -10.99
C ASP A 284 -11.78 17.60 -10.63
N LEU A 285 -11.79 16.46 -9.93
CA LEU A 285 -13.01 15.89 -9.41
C LEU A 285 -13.10 16.13 -7.91
N VAL A 286 -14.32 16.33 -7.42
CA VAL A 286 -14.55 16.68 -6.02
C VAL A 286 -14.77 15.40 -5.23
N SER A 287 -13.97 15.20 -4.19
CA SER A 287 -14.07 14.04 -3.32
C SER A 287 -14.03 14.50 -1.87
N TYR A 288 -15.15 14.34 -1.17
CA TYR A 288 -15.18 14.62 0.26
C TYR A 288 -14.35 13.61 1.05
N THR A 289 -14.34 12.35 0.61
CA THR A 289 -13.62 11.31 1.32
C THR A 289 -12.11 11.48 1.17
N TYR A 290 -11.64 11.70 -0.06
CA TYR A 290 -10.20 11.82 -0.29
C TYR A 290 -9.65 13.12 0.27
N HIS A 291 -10.48 14.16 0.34
CA HIS A 291 -10.07 15.40 1.00
C HIS A 291 -9.73 15.15 2.46
N LEU A 292 -10.55 14.33 3.14
CA LEU A 292 -10.25 13.98 4.53
C LEU A 292 -9.07 13.03 4.62
N HIS A 293 -8.85 12.20 3.60
CA HIS A 293 -7.70 11.30 3.61
C HIS A 293 -6.39 12.06 3.57
N SER A 294 -6.36 13.23 2.93
CA SER A 294 -5.17 14.08 2.99
C SER A 294 -4.98 14.66 4.38
N LEU A 295 -6.07 15.04 5.04
CA LEU A 295 -5.98 15.48 6.43
C LEU A 295 -5.54 14.36 7.35
N ILE A 296 -5.89 13.11 7.01
CA ILE A 296 -5.38 11.96 7.75
C ILE A 296 -3.87 11.84 7.55
N GLY A 297 -3.37 12.23 6.37
CA GLY A 297 -1.94 12.15 6.13
C GLY A 297 -1.14 13.15 6.93
N VAL A 298 -1.70 14.34 7.18
CA VAL A 298 -1.01 15.32 8.02
C VAL A 298 -0.88 14.77 9.45
N SER A 299 -1.97 14.21 9.98
CA SER A 299 -1.94 13.60 11.30
C SER A 299 -1.00 12.41 11.33
N TYR A 300 -1.11 11.53 10.32
CA TYR A 300 -0.27 10.35 10.26
C TYR A 300 1.21 10.70 10.19
N TYR A 301 1.55 11.76 9.46
CA TYR A 301 2.96 12.13 9.33
C TYR A 301 3.52 12.64 10.64
N TYR A 302 2.76 13.48 11.36
CA TYR A 302 3.22 13.96 12.65
C TYR A 302 3.38 12.83 13.65
N ARG A 303 2.49 11.82 13.56
CA ARG A 303 2.58 10.68 14.47
C ARG A 303 3.89 9.93 14.30
N HIS A 304 4.33 9.75 13.05
CA HIS A 304 5.52 8.95 12.78
C HIS A 304 6.79 9.78 12.65
N SER A 305 6.69 11.03 12.21
CA SER A 305 7.89 11.85 12.04
C SER A 305 8.31 12.55 13.32
N GLY A 306 7.35 12.98 14.15
CA GLY A 306 7.68 13.79 15.30
C GLY A 306 7.94 15.24 14.99
N ASP A 307 7.71 15.67 13.74
CA ASP A 307 8.10 16.99 13.25
C ASP A 307 7.00 18.00 13.57
N ARG A 308 7.11 18.63 14.73
CA ARG A 308 6.16 19.68 15.10
C ARG A 308 6.28 20.89 14.20
N ALA A 309 7.48 21.15 13.65
CA ALA A 309 7.66 22.29 12.77
C ALA A 309 6.92 22.09 11.45
N TRP A 310 6.95 20.87 10.91
CA TRP A 310 6.15 20.56 9.73
C TRP A 310 4.66 20.73 10.01
N LEU A 311 4.23 20.34 11.21
CA LEU A 311 2.82 20.45 11.57
C LEU A 311 2.40 21.91 11.65
N SER A 312 3.22 22.77 12.25
CA SER A 312 2.89 24.18 12.37
C SER A 312 2.88 24.86 11.00
N LYS A 313 3.80 24.46 10.12
CA LYS A 313 3.84 25.02 8.78
C LYS A 313 2.54 24.75 8.02
N TYR A 314 1.86 23.64 8.32
CA TYR A 314 0.66 23.24 7.61
C TYR A 314 -0.57 23.18 8.52
N TRP A 315 -0.47 23.80 9.71
CA TRP A 315 -1.59 23.77 10.65
C TRP A 315 -2.77 24.57 10.13
N GLY A 316 -2.51 25.74 9.56
CA GLY A 316 -3.59 26.55 9.01
C GLY A 316 -4.27 25.88 7.83
N GLN A 317 -3.48 25.31 6.92
CA GLN A 317 -4.04 24.57 5.80
C GLN A 317 -4.87 23.38 6.29
N TYR A 318 -4.40 22.72 7.34
CA TYR A 318 -5.17 21.64 7.93
C TYR A 318 -6.50 22.16 8.47
N GLN A 319 -6.47 23.30 9.17
CA GLN A 319 -7.68 23.82 9.79
C GLN A 319 -8.69 24.30 8.75
N LYS A 320 -8.22 24.99 7.70
CA LYS A 320 -9.11 25.39 6.60
C LYS A 320 -9.69 24.19 5.88
N GLY A 321 -8.90 23.12 5.77
CA GLY A 321 -9.41 21.92 5.13
C GLY A 321 -10.51 21.27 5.94
N LEU A 322 -10.32 21.17 7.26
CA LEU A 322 -11.37 20.68 8.14
C LEU A 322 -12.63 21.55 8.04
N GLN A 323 -12.44 22.87 7.95
CA GLN A 323 -13.58 23.78 7.83
C GLN A 323 -14.44 23.44 6.61
N TRP A 324 -13.79 23.18 5.48
CA TRP A 324 -14.52 22.84 4.26
C TRP A 324 -15.39 21.60 4.45
N ALA A 325 -14.87 20.61 5.17
CA ALA A 325 -15.63 19.38 5.41
C ALA A 325 -16.73 19.56 6.45
N LEU A 326 -16.51 20.40 7.46
CA LEU A 326 -17.54 20.66 8.44
C LEU A 326 -18.74 21.39 7.84
N SER A 327 -18.58 21.97 6.66
CA SER A 327 -19.68 22.72 6.04
C SER A 327 -20.81 21.81 5.60
N SER A 328 -20.49 20.56 5.23
CA SER A 328 -21.52 19.63 4.78
C SER A 328 -22.31 19.01 5.92
N VAL A 329 -21.86 19.19 7.17
CA VAL A 329 -22.62 18.72 8.31
C VAL A 329 -23.89 19.55 8.44
N ASP A 330 -25.03 18.87 8.62
CA ASP A 330 -26.31 19.56 8.66
C ASP A 330 -26.95 19.42 10.05
N ASN A 331 -28.26 19.63 10.12
CA ASN A 331 -28.97 19.66 11.39
C ASN A 331 -29.06 18.30 12.05
N THR A 332 -28.94 17.21 11.28
CA THR A 332 -28.96 15.88 11.87
C THR A 332 -27.72 15.58 12.69
N GLY A 333 -26.72 16.46 12.66
CA GLY A 333 -25.43 16.15 13.23
C GLY A 333 -24.54 15.31 12.34
N LEU A 334 -25.02 14.93 11.16
CA LEU A 334 -24.27 14.16 10.18
C LEU A 334 -23.82 15.07 9.04
N ALA A 335 -22.85 14.60 8.29
CA ALA A 335 -22.38 15.29 7.09
C ALA A 335 -23.11 14.74 5.88
N ASN A 336 -23.72 15.62 5.09
CA ASN A 336 -24.39 15.23 3.85
C ASN A 336 -23.42 15.41 2.70
N ILE A 337 -23.14 14.33 1.99
CA ILE A 337 -22.13 14.29 0.95
C ILE A 337 -22.82 14.46 -0.40
N THR A 338 -22.42 15.48 -1.15
CA THR A 338 -22.94 15.74 -2.48
C THR A 338 -21.91 15.42 -3.56
N ALA A 339 -20.81 14.76 -3.21
CA ALA A 339 -19.76 14.38 -4.15
C ALA A 339 -19.56 12.88 -4.06
N SER A 340 -19.68 12.19 -5.21
CA SER A 340 -19.73 10.74 -5.24
C SER A 340 -18.36 10.09 -5.33
N SER A 341 -17.34 10.80 -5.78
CA SER A 341 -16.08 10.17 -6.12
C SER A 341 -15.34 9.67 -4.87
N ASP A 342 -15.01 8.38 -4.89
CA ASP A 342 -14.27 7.74 -3.81
C ASP A 342 -13.25 6.77 -4.38
N TRP A 343 -13.01 5.64 -3.72
CA TRP A 343 -12.02 4.69 -4.22
C TRP A 343 -12.56 3.88 -5.40
N LEU A 344 -13.85 3.52 -5.36
CA LEU A 344 -14.54 2.84 -6.44
C LEU A 344 -16.01 2.70 -6.06
N ARG A 345 -16.28 2.71 -4.76
CA ARG A 345 -17.64 2.54 -4.24
C ARG A 345 -18.60 3.49 -4.95
N PHE A 346 -19.84 3.02 -5.13
CA PHE A 346 -20.78 3.68 -6.02
C PHE A 346 -21.84 4.51 -5.31
N GLY A 347 -22.02 4.34 -4.01
CA GLY A 347 -23.14 4.98 -3.33
C GLY A 347 -22.82 6.19 -2.47
N MET A 348 -21.66 6.80 -2.68
CA MET A 348 -21.22 7.91 -1.82
C MET A 348 -22.16 9.10 -1.99
N GLY A 349 -22.89 9.43 -0.92
CA GLY A 349 -23.84 10.53 -0.95
C GLY A 349 -24.76 10.49 0.26
N GLY A 350 -25.29 11.64 0.66
CA GLY A 350 -26.15 11.67 1.82
C GLY A 350 -25.36 11.52 3.11
N HIS A 351 -26.01 10.95 4.12
CA HIS A 351 -25.38 10.70 5.42
C HIS A 351 -24.66 9.35 5.38
N ASN A 352 -23.58 9.31 4.62
CA ASN A 352 -22.83 8.08 4.43
C ASN A 352 -22.07 7.69 5.70
N ILE A 353 -22.06 6.39 5.99
CA ILE A 353 -21.40 5.92 7.20
C ILE A 353 -19.88 6.06 7.06
N GLU A 354 -19.34 5.75 5.89
CA GLU A 354 -17.89 5.83 5.70
C GLU A 354 -17.40 7.27 5.81
N ALA A 355 -18.10 8.20 5.15
CA ALA A 355 -17.70 9.60 5.18
C ALA A 355 -17.74 10.15 6.61
N ASN A 356 -18.82 9.85 7.34
CA ASN A 356 -18.95 10.37 8.69
C ASN A 356 -18.01 9.67 9.67
N ALA A 357 -17.68 8.41 9.41
CA ALA A 357 -16.68 7.74 10.24
C ALA A 357 -15.30 8.32 10.00
N ILE A 358 -14.99 8.69 8.76
CA ILE A 358 -13.70 9.31 8.47
C ILE A 358 -13.65 10.72 9.06
N LEU A 359 -14.76 11.45 9.01
CA LEU A 359 -14.80 12.80 9.58
C LEU A 359 -14.63 12.76 11.09
N TYR A 360 -15.26 11.79 11.76
CA TYR A 360 -15.09 11.62 13.20
C TYR A 360 -13.64 11.31 13.53
N PHE A 361 -13.03 10.41 12.76
CA PHE A 361 -11.62 10.07 12.94
C PHE A 361 -10.73 11.30 12.73
N VAL A 362 -11.04 12.12 11.73
CA VAL A 362 -10.24 13.31 11.45
C VAL A 362 -10.42 14.34 12.56
N LEU A 363 -11.66 14.51 13.05
CA LEU A 363 -11.91 15.49 14.09
C LEU A 363 -11.17 15.15 15.37
N ASN A 364 -11.12 13.86 15.73
CA ASN A 364 -10.42 13.47 16.94
C ASN A 364 -8.91 13.53 16.77
N GLU A 365 -8.40 13.21 15.57
CA GLU A 365 -6.98 13.39 15.31
C GLU A 365 -6.62 14.87 15.22
N ALA A 366 -7.58 15.71 14.84
CA ALA A 366 -7.33 17.15 14.82
C ALA A 366 -7.17 17.71 16.23
N GLN A 367 -7.84 17.10 17.22
CA GLN A 367 -7.74 17.58 18.59
C GLN A 367 -6.34 17.37 19.15
N GLU A 368 -5.70 16.24 18.80
CA GLU A 368 -4.34 16.00 19.27
C GLU A 368 -3.34 16.94 18.61
N LEU A 369 -3.56 17.28 17.33
CA LEU A 369 -2.70 18.27 16.68
C LEU A 369 -2.92 19.65 17.29
N SER A 370 -4.16 19.97 17.67
CA SER A 370 -4.42 21.19 18.42
C SER A 370 -3.65 21.20 19.72
N GLN A 371 -3.66 20.08 20.45
CA GLN A 371 -2.89 19.97 21.68
C GLN A 371 -1.40 20.07 21.43
N ALA A 372 -0.96 19.65 20.25
CA ALA A 372 0.47 19.66 19.95
C ALA A 372 0.98 21.08 19.77
N ILE A 373 0.28 21.89 18.99
CA ILE A 373 0.72 23.25 18.69
C ILE A 373 0.24 24.25 19.74
N ASN A 374 -1.01 24.14 20.18
CA ASN A 374 -1.62 25.13 21.04
C ASN A 374 -1.85 24.66 22.47
N ASN A 375 -1.57 23.39 22.77
CA ASN A 375 -1.71 22.84 24.12
C ASN A 375 -3.13 22.98 24.65
N HIS A 376 -4.11 22.70 23.80
CA HIS A 376 -5.51 22.68 24.22
C HIS A 376 -6.33 21.93 23.19
N THR A 377 -7.64 21.84 23.45
CA THR A 377 -8.58 21.16 22.58
C THR A 377 -9.62 22.14 22.07
N ASN A 378 -10.32 21.75 21.00
CA ASN A 378 -11.34 22.58 20.39
C ASN A 378 -12.72 22.06 20.77
N ALA A 379 -13.53 22.92 21.39
CA ALA A 379 -14.84 22.51 21.85
C ALA A 379 -15.84 22.33 20.71
N ASN A 380 -15.70 23.14 19.64
CA ASN A 380 -16.57 22.96 18.49
C ASN A 380 -16.34 21.59 17.86
N TRP A 381 -15.08 21.17 17.73
CA TRP A 381 -14.80 19.86 17.14
C TRP A 381 -15.32 18.73 18.01
N THR A 382 -15.41 18.94 19.33
CA THR A 382 -15.89 17.90 20.23
C THR A 382 -17.39 17.67 20.05
N LYS A 383 -18.16 18.74 19.91
CA LYS A 383 -19.61 18.59 19.76
C LYS A 383 -19.99 17.98 18.43
N ILE A 384 -19.33 18.41 17.35
CA ILE A 384 -19.62 17.83 16.04
C ILE A 384 -19.27 16.35 16.04
N ALA A 385 -18.15 15.99 16.67
CA ALA A 385 -17.78 14.60 16.79
C ALA A 385 -18.82 13.81 17.58
N SER A 386 -19.21 14.33 18.74
CA SER A 386 -20.25 13.67 19.54
C SER A 386 -21.55 13.53 18.76
N GLY A 387 -21.88 14.53 17.94
CA GLY A 387 -23.11 14.46 17.16
C GLY A 387 -23.07 13.40 16.10
N ILE A 388 -21.92 13.24 15.44
CA ILE A 388 -21.77 12.18 14.43
C ILE A 388 -21.97 10.81 15.09
N LYS A 389 -21.28 10.58 16.21
CA LYS A 389 -21.41 9.29 16.90
C LYS A 389 -22.85 9.04 17.33
N SER A 390 -23.53 10.05 17.84
CA SER A 390 -24.92 9.89 18.27
C SER A 390 -25.82 9.58 17.09
N ALA A 391 -25.72 10.36 16.02
CA ALA A 391 -26.63 10.23 14.89
C ALA A 391 -26.32 9.02 14.02
N THR A 392 -25.05 8.66 13.87
CA THR A 392 -24.71 7.46 13.10
C THR A 392 -25.37 6.22 13.70
N ASN A 393 -25.29 6.09 15.03
CA ASN A 393 -25.84 4.91 15.69
C ASN A 393 -27.36 4.97 15.80
N LYS A 394 -27.95 6.17 15.84
CA LYS A 394 -29.40 6.28 15.90
C LYS A 394 -30.04 5.98 14.55
N ASN A 395 -29.49 6.54 13.47
CA ASN A 395 -30.13 6.49 12.17
C ASN A 395 -29.63 5.36 11.27
N LEU A 396 -28.38 4.92 11.41
CA LEU A 396 -27.79 4.01 10.46
C LEU A 396 -27.47 2.62 11.02
N TRP A 397 -27.50 2.43 12.33
CA TRP A 397 -27.21 1.12 12.90
C TRP A 397 -28.44 0.23 12.81
N ASP A 398 -28.23 -1.00 12.32
CA ASP A 398 -29.28 -2.04 12.29
C ASP A 398 -28.77 -3.19 13.15
N ALA A 399 -29.53 -3.57 14.18
CA ALA A 399 -29.08 -4.61 15.13
C ALA A 399 -29.43 -6.01 14.66
N ASN A 400 -30.24 -6.17 13.63
CA ASN A 400 -30.49 -7.56 13.17
C ASN A 400 -29.38 -7.92 12.18
N ASN A 401 -28.90 -6.99 11.37
CA ASN A 401 -27.88 -7.33 10.36
C ASN A 401 -26.50 -7.15 10.98
N GLY A 402 -26.45 -6.49 12.12
CA GLY A 402 -25.18 -6.34 12.87
C GLY A 402 -24.24 -5.39 12.18
N LEU A 403 -24.78 -4.47 11.38
CA LEU A 403 -23.93 -3.57 10.60
C LEU A 403 -24.62 -2.23 10.40
N TYR A 404 -23.87 -1.21 10.04
CA TYR A 404 -24.40 0.10 9.71
C TYR A 404 -24.85 0.13 8.26
N LYS A 405 -25.95 0.84 8.01
CA LYS A 405 -26.37 1.12 6.65
C LYS A 405 -25.43 2.15 6.02
N ASP A 406 -25.34 2.12 4.69
CA ASP A 406 -24.59 3.17 4.00
C ASP A 406 -25.25 4.53 4.20
N ASN A 407 -26.57 4.57 4.08
CA ASN A 407 -27.35 5.76 4.42
C ASN A 407 -28.70 5.31 4.98
N GLU A 408 -29.55 6.28 5.30
CA GLU A 408 -30.90 5.97 5.76
C GLU A 408 -31.79 5.46 4.62
N THR A 409 -31.33 5.56 3.36
CA THR A 409 -32.13 5.36 2.17
C THR A 409 -31.90 3.97 1.57
N THR A 410 -31.20 3.08 2.26
CA THR A 410 -30.70 1.88 1.58
C THR A 410 -30.70 0.67 2.52
N THR A 411 -30.69 -0.50 1.89
CA THR A 411 -30.55 -1.83 2.49
C THR A 411 -29.12 -2.34 2.43
N LEU A 412 -28.22 -1.61 1.79
CA LEU A 412 -26.85 -2.06 1.61
C LEU A 412 -26.02 -1.74 2.84
N TYR A 413 -25.23 -2.72 3.28
CA TYR A 413 -24.34 -2.57 4.44
C TYR A 413 -22.90 -2.66 3.96
N PRO A 414 -22.19 -1.54 3.88
CA PRO A 414 -20.91 -1.54 3.15
C PRO A 414 -19.73 -1.99 4.00
N GLN A 415 -18.70 -2.48 3.31
CA GLN A 415 -17.48 -2.90 3.98
C GLN A 415 -16.67 -1.70 4.47
N ASP A 416 -16.63 -0.63 3.68
CA ASP A 416 -15.77 0.50 4.03
C ASP A 416 -16.27 1.21 5.28
N GLY A 417 -17.56 1.52 5.34
CA GLY A 417 -18.09 2.26 6.48
C GLY A 417 -18.06 1.47 7.76
N ASN A 418 -18.30 0.15 7.69
CA ASN A 418 -18.34 -0.66 8.90
C ASN A 418 -16.95 -0.96 9.43
N ALA A 419 -15.96 -1.13 8.55
CA ALA A 419 -14.59 -1.24 9.02
C ALA A 419 -14.08 0.09 9.56
N TRP A 420 -14.52 1.19 8.96
CA TRP A 420 -14.06 2.51 9.41
C TRP A 420 -14.71 2.93 10.72
N ALA A 421 -15.90 2.38 11.02
CA ALA A 421 -16.57 2.74 12.28
C ALA A 421 -15.80 2.19 13.48
N ILE A 422 -15.33 0.94 13.39
CA ILE A 422 -14.50 0.39 14.45
C ILE A 422 -13.17 1.13 14.52
N LYS A 423 -12.63 1.52 13.36
CA LYS A 423 -11.37 2.26 13.33
C LYS A 423 -11.51 3.63 13.98
N ALA A 424 -12.68 4.24 13.89
CA ALA A 424 -12.91 5.56 14.44
C ALA A 424 -13.53 5.54 15.84
N ASN A 425 -13.84 4.35 16.37
CA ASN A 425 -14.57 4.21 17.63
C ASN A 425 -15.92 4.90 17.57
N LEU A 426 -16.52 4.94 16.37
CA LEU A 426 -17.89 5.37 16.21
C LEU A 426 -18.86 4.42 16.90
N THR A 427 -18.42 3.20 17.18
CA THR A 427 -19.23 2.23 17.90
C THR A 427 -19.38 2.63 19.36
N LEU A 428 -20.46 2.13 19.98
CA LEU A 428 -20.73 2.42 21.38
C LEU A 428 -20.22 1.34 22.33
N SER A 429 -19.86 0.16 21.82
CA SER A 429 -19.41 -0.93 22.68
C SER A 429 -18.41 -1.78 21.91
N THR A 430 -17.54 -2.47 22.66
CA THR A 430 -16.70 -3.48 22.04
C THR A 430 -17.53 -4.60 21.46
N ASN A 431 -18.73 -4.82 22.00
CA ASN A 431 -19.61 -5.86 21.49
C ASN A 431 -20.23 -5.43 20.16
N GLN A 432 -20.61 -4.15 20.04
CA GLN A 432 -21.06 -3.65 18.74
C GLN A 432 -19.96 -3.74 17.70
N SER A 433 -18.71 -3.45 18.11
CA SER A 433 -17.58 -3.65 17.22
C SER A 433 -17.37 -5.13 16.92
N SER A 434 -17.52 -5.99 17.93
CA SER A 434 -17.40 -7.42 17.72
C SER A 434 -18.52 -7.95 16.85
N THR A 435 -19.70 -7.31 16.88
CA THR A 435 -20.80 -7.74 16.04
C THR A 435 -20.55 -7.40 14.58
N ILE A 436 -20.02 -6.20 14.32
CA ILE A 436 -19.66 -5.83 12.95
C ILE A 436 -18.59 -6.77 12.41
N SER A 437 -17.60 -7.10 13.23
CA SER A 437 -16.52 -7.99 12.81
C SER A 437 -17.08 -9.35 12.40
N SER A 438 -17.99 -9.89 13.19
CA SER A 438 -18.61 -11.17 12.85
C SER A 438 -19.41 -11.07 11.56
N ALA A 439 -20.13 -9.96 11.38
CA ALA A 439 -20.98 -9.80 10.20
C ALA A 439 -20.19 -9.49 8.94
N LEU A 440 -18.99 -8.92 9.07
CA LEU A 440 -18.14 -8.73 7.89
C LEU A 440 -17.44 -10.01 7.51
N SER A 441 -17.02 -10.81 8.50
CA SER A 441 -16.44 -12.12 8.23
C SER A 441 -17.48 -13.11 7.72
N SER A 442 -18.75 -12.84 7.98
CA SER A 442 -19.86 -13.61 7.42
C SER A 442 -19.81 -13.63 5.90
N ARG A 443 -19.47 -12.48 5.30
CA ARG A 443 -19.57 -12.28 3.87
C ARG A 443 -18.31 -12.67 3.13
N TRP A 444 -17.28 -13.14 3.82
CA TRP A 444 -16.03 -13.54 3.19
C TRP A 444 -16.29 -14.62 2.14
N GLY A 445 -15.69 -14.44 0.96
CA GLY A 445 -15.72 -15.44 -0.09
C GLY A 445 -14.47 -16.29 -0.08
N ASN A 446 -14.30 -17.05 -1.16
CA ASN A 446 -13.17 -17.95 -1.29
C ASN A 446 -11.87 -17.23 -1.61
N TYR A 447 -11.95 -16.01 -2.16
CA TYR A 447 -10.76 -15.28 -2.55
C TYR A 447 -10.53 -14.01 -1.74
N GLY A 448 -11.46 -13.64 -0.86
CA GLY A 448 -11.22 -12.52 0.02
C GLY A 448 -12.53 -11.99 0.58
N ALA A 449 -12.43 -10.78 1.17
CA ALA A 449 -13.55 -10.07 1.75
C ALA A 449 -14.18 -9.15 0.72
N PRO A 450 -15.49 -9.24 0.50
CA PRO A 450 -16.12 -8.46 -0.56
C PRO A 450 -16.51 -7.05 -0.11
N ALA A 451 -16.60 -6.16 -1.10
CA ALA A 451 -17.09 -4.81 -0.91
C ALA A 451 -18.36 -4.66 -1.73
N PRO A 452 -19.53 -4.93 -1.15
CA PRO A 452 -20.78 -4.77 -1.90
C PRO A 452 -21.02 -3.35 -2.39
N GLU A 453 -20.40 -2.36 -1.75
CA GLU A 453 -20.48 -0.99 -2.22
C GLU A 453 -19.85 -0.82 -3.60
N ALA A 454 -18.97 -1.74 -4.01
CA ALA A 454 -18.29 -1.63 -5.28
C ALA A 454 -18.50 -2.86 -6.15
N ALA A 455 -19.78 -3.20 -6.39
CA ALA A 455 -20.17 -4.29 -7.29
C ALA A 455 -19.55 -5.59 -6.80
N ASP A 456 -18.77 -6.30 -7.61
CA ASP A 456 -18.22 -7.59 -7.25
C ASP A 456 -16.76 -7.52 -6.79
N ALA A 457 -16.31 -6.35 -6.35
CA ALA A 457 -14.89 -6.14 -6.11
C ALA A 457 -14.45 -6.70 -4.76
N VAL A 458 -13.24 -7.25 -4.74
CA VAL A 458 -12.52 -7.58 -3.51
C VAL A 458 -11.42 -6.53 -3.38
N SER A 459 -11.62 -5.57 -2.47
CA SER A 459 -10.71 -4.44 -2.37
C SER A 459 -9.71 -4.68 -1.24
N PRO A 460 -8.41 -4.79 -1.55
CA PRO A 460 -7.42 -4.88 -0.46
C PRO A 460 -7.24 -3.57 0.28
N PHE A 461 -7.63 -2.45 -0.32
CA PHE A 461 -7.70 -1.18 0.41
C PHE A 461 -8.61 -1.30 1.62
N ILE A 462 -9.87 -1.65 1.39
CA ILE A 462 -10.82 -1.80 2.49
C ILE A 462 -10.52 -3.04 3.31
N GLY A 463 -9.93 -4.08 2.69
CA GLY A 463 -9.56 -5.26 3.44
C GLY A 463 -8.56 -4.97 4.54
N GLY A 464 -7.59 -4.09 4.26
CA GLY A 464 -6.65 -3.70 5.30
C GLY A 464 -7.31 -2.89 6.41
N PHE A 465 -8.28 -2.05 6.06
CA PHE A 465 -9.07 -1.38 7.09
C PHE A 465 -9.89 -2.37 7.88
N GLU A 466 -10.38 -3.43 7.23
CA GLU A 466 -11.14 -4.46 7.94
C GLU A 466 -10.23 -5.29 8.85
N ILE A 467 -8.97 -5.46 8.48
CA ILE A 467 -8.04 -6.18 9.34
C ILE A 467 -7.82 -5.42 10.65
N GLN A 468 -7.58 -4.11 10.55
CA GLN A 468 -7.43 -3.30 11.75
C GLN A 468 -8.70 -3.31 12.59
N ALA A 469 -9.87 -3.39 11.94
CA ALA A 469 -11.13 -3.37 12.68
C ALA A 469 -11.35 -4.69 13.43
N HIS A 470 -10.96 -5.81 12.83
CA HIS A 470 -11.05 -7.10 13.52
C HIS A 470 -10.21 -7.08 14.79
N PHE A 471 -8.97 -6.61 14.68
CA PHE A 471 -8.10 -6.49 15.85
C PHE A 471 -8.72 -5.58 16.91
N LEU A 472 -9.32 -4.46 16.48
CA LEU A 472 -9.85 -3.48 17.42
C LEU A 472 -11.12 -3.96 18.12
N ALA A 473 -11.85 -4.89 17.52
CA ALA A 473 -12.93 -5.59 18.21
C ALA A 473 -12.41 -6.74 19.05
N ASN A 474 -11.10 -6.81 19.24
CA ASN A 474 -10.45 -7.88 20.00
C ASN A 474 -10.85 -9.24 19.46
N GLN A 475 -10.79 -9.38 18.14
CA GLN A 475 -10.93 -10.66 17.45
C GLN A 475 -9.70 -10.85 16.57
N PRO A 476 -8.54 -11.14 17.18
CA PRO A 476 -7.31 -11.21 16.38
C PRO A 476 -7.30 -12.34 15.38
N GLN A 477 -8.06 -13.42 15.64
CA GLN A 477 -8.01 -14.58 14.76
C GLN A 477 -8.62 -14.26 13.40
N LYS A 478 -9.76 -13.57 13.38
CA LYS A 478 -10.40 -13.24 12.11
C LYS A 478 -9.50 -12.35 11.25
N ALA A 479 -8.78 -11.43 11.88
CA ALA A 479 -7.86 -10.58 11.12
C ALA A 479 -6.76 -11.40 10.48
N LEU A 480 -6.11 -12.27 11.26
CA LEU A 480 -5.05 -13.12 10.71
C LEU A 480 -5.60 -14.03 9.61
N ASP A 481 -6.83 -14.50 9.77
CA ASP A 481 -7.41 -15.43 8.79
C ASP A 481 -7.75 -14.72 7.48
N LEU A 482 -8.11 -13.44 7.55
CA LEU A 482 -8.35 -12.68 6.31
C LEU A 482 -7.06 -12.50 5.54
N ILE A 483 -5.96 -12.20 6.23
CA ILE A 483 -4.66 -12.08 5.57
C ILE A 483 -4.28 -13.40 4.90
N ARG A 484 -4.44 -14.50 5.63
CA ARG A 484 -4.09 -15.81 5.09
C ARG A 484 -4.95 -16.17 3.89
N LEU A 485 -6.20 -15.71 3.88
CA LEU A 485 -7.10 -16.02 2.78
C LEU A 485 -6.91 -15.06 1.62
N GLN A 486 -7.04 -13.76 1.89
CA GLN A 486 -7.01 -12.76 0.82
C GLN A 486 -5.60 -12.56 0.29
N TRP A 487 -4.63 -12.36 1.19
CA TRP A 487 -3.27 -12.04 0.75
C TRP A 487 -2.47 -13.28 0.36
N GLY A 488 -2.84 -14.46 0.87
CA GLY A 488 -2.25 -15.67 0.34
C GLY A 488 -2.60 -15.88 -1.12
N PHE A 489 -3.85 -15.59 -1.49
CA PHE A 489 -4.23 -15.56 -2.89
C PHE A 489 -3.46 -14.49 -3.65
N MET A 490 -3.37 -13.29 -3.07
CA MET A 490 -2.67 -12.20 -3.73
C MET A 490 -1.18 -12.45 -3.88
N LEU A 491 -0.60 -13.33 -3.06
CA LEU A 491 0.84 -13.60 -3.11
C LEU A 491 1.18 -14.89 -3.84
N ASP A 492 0.32 -15.90 -3.77
CA ASP A 492 0.67 -17.23 -4.27
C ASP A 492 -0.21 -17.72 -5.41
N ASP A 493 -1.14 -16.90 -5.91
CA ASP A 493 -1.87 -17.29 -7.11
C ASP A 493 -0.96 -17.17 -8.32
N PRO A 494 -0.93 -18.17 -9.20
CA PRO A 494 0.08 -18.17 -10.29
C PRO A 494 0.06 -16.93 -11.18
N ARG A 495 -1.06 -16.20 -11.25
CA ARG A 495 -1.13 -14.99 -12.06
C ARG A 495 -0.70 -13.74 -11.31
N MET A 496 0.00 -13.90 -10.19
CA MET A 496 0.48 -12.79 -9.39
C MET A 496 2.00 -12.68 -9.48
N THR A 497 2.56 -11.74 -8.75
CA THR A 497 3.99 -11.43 -8.83
C THR A 497 4.82 -12.12 -7.75
N ASN A 498 4.18 -12.70 -6.74
CA ASN A 498 4.91 -13.36 -5.63
C ASN A 498 5.91 -12.42 -4.98
N SER A 499 5.61 -11.11 -5.01
CA SER A 499 6.54 -10.09 -4.54
C SER A 499 5.80 -8.80 -4.18
N THR A 500 4.83 -8.41 -5.00
CA THR A 500 4.06 -7.19 -4.80
C THR A 500 2.58 -7.53 -4.77
N PHE A 501 1.75 -6.54 -4.42
CA PHE A 501 0.35 -6.78 -4.12
C PHE A 501 -0.57 -6.00 -5.04
N ILE A 502 -1.66 -6.66 -5.44
CA ILE A 502 -2.50 -6.19 -6.53
C ILE A 502 -3.42 -5.06 -6.05
N GLU A 503 -3.90 -4.27 -7.01
CA GLU A 503 -4.75 -3.12 -6.71
C GLU A 503 -6.16 -3.57 -6.32
N GLY A 504 -6.65 -4.63 -6.94
CA GLY A 504 -7.98 -5.15 -6.65
C GLY A 504 -8.42 -6.21 -7.63
N TYR A 505 -9.38 -7.03 -7.24
CA TYR A 505 -9.92 -8.06 -8.12
C TYR A 505 -11.40 -8.22 -7.82
N SER A 506 -11.96 -9.39 -8.12
CA SER A 506 -13.39 -9.58 -7.96
C SER A 506 -13.69 -10.88 -7.20
N THR A 507 -14.94 -10.98 -6.74
CA THR A 507 -15.37 -12.10 -5.91
C THR A 507 -15.08 -13.43 -6.58
N ASP A 508 -15.48 -13.57 -7.83
CA ASP A 508 -14.97 -14.67 -8.65
C ASP A 508 -13.48 -14.44 -8.87
N GLY A 509 -12.68 -15.47 -8.61
CA GLY A 509 -11.23 -15.36 -8.61
C GLY A 509 -10.58 -14.65 -9.78
N THR A 510 -11.37 -14.31 -10.79
CA THR A 510 -10.86 -13.57 -11.93
C THR A 510 -10.22 -12.26 -11.48
N LEU A 511 -9.10 -11.91 -12.12
CA LEU A 511 -8.37 -10.70 -11.79
C LEU A 511 -8.94 -9.47 -12.48
N HIS A 512 -10.21 -9.51 -12.85
CA HIS A 512 -10.91 -8.35 -13.37
C HIS A 512 -11.29 -7.41 -12.24
N TYR A 513 -11.10 -6.12 -12.47
CA TYR A 513 -11.39 -5.08 -11.48
C TYR A 513 -12.51 -4.20 -12.02
N ALA A 514 -13.51 -3.93 -11.18
CA ALA A 514 -14.76 -3.30 -11.61
C ALA A 514 -14.57 -2.01 -12.41
N PRO A 515 -13.77 -1.02 -11.99
CA PRO A 515 -13.74 0.26 -12.72
C PRO A 515 -13.08 0.18 -14.07
N TYR A 516 -12.43 -0.93 -14.42
CA TYR A 516 -11.64 -1.03 -15.63
C TYR A 516 -12.24 -2.07 -16.56
N THR A 517 -12.45 -1.69 -17.82
CA THR A 517 -12.73 -2.66 -18.87
C THR A 517 -11.46 -3.35 -19.35
N ASN A 518 -10.31 -2.69 -19.20
CA ASN A 518 -9.02 -3.23 -19.60
C ASN A 518 -8.41 -3.92 -18.38
N ASP A 519 -8.65 -5.24 -18.27
CA ASP A 519 -8.16 -5.99 -17.13
C ASP A 519 -6.63 -6.06 -17.09
N ALA A 520 -5.96 -5.79 -18.21
CA ALA A 520 -4.50 -5.78 -18.23
C ALA A 520 -3.93 -4.51 -17.62
N ARG A 521 -4.76 -3.50 -17.43
CA ARG A 521 -4.35 -2.24 -16.81
C ARG A 521 -4.28 -2.35 -15.29
N VAL A 522 -4.88 -3.39 -14.69
CA VAL A 522 -4.84 -3.55 -13.25
C VAL A 522 -3.39 -3.70 -12.79
N SER A 523 -3.07 -3.05 -11.69
CA SER A 523 -1.75 -2.88 -11.10
C SER A 523 -1.48 -3.99 -10.10
N HIS A 524 -0.47 -4.84 -10.28
CA HIS A 524 -0.05 -5.83 -9.30
C HIS A 524 0.96 -5.25 -8.31
N ALA A 525 0.95 -3.92 -8.13
CA ALA A 525 1.82 -3.26 -7.16
C ALA A 525 1.11 -1.97 -6.74
N HIS A 526 0.31 -2.07 -5.68
CA HIS A 526 -0.43 -0.94 -5.14
C HIS A 526 -0.18 -0.84 -3.64
N GLY A 527 0.27 0.33 -3.20
CA GLY A 527 0.58 0.54 -1.80
C GLY A 527 -0.62 0.57 -0.88
N TRP A 528 -1.83 0.74 -1.41
CA TRP A 528 -3.02 0.71 -0.56
C TRP A 528 -3.47 -0.72 -0.24
N SER A 529 -2.73 -1.72 -0.71
CA SER A 529 -2.97 -3.10 -0.33
C SER A 529 -1.83 -3.68 0.48
N THR A 530 -1.09 -2.80 1.15
CA THR A 530 0.02 -3.19 2.00
C THR A 530 -0.33 -3.14 3.48
N GLY A 531 -1.63 -3.09 3.80
CA GLY A 531 -2.07 -2.95 5.17
C GLY A 531 -1.57 -4.01 6.15
N PRO A 532 -1.54 -5.29 5.74
CA PRO A 532 -1.02 -6.32 6.67
C PRO A 532 0.38 -6.05 7.21
N THR A 533 1.19 -5.27 6.49
CA THR A 533 2.54 -4.98 6.98
C THR A 533 2.49 -4.14 8.25
N ALA A 534 1.74 -3.03 8.22
CA ALA A 534 1.61 -2.20 9.41
C ALA A 534 0.83 -2.90 10.50
N ALA A 535 -0.23 -3.62 10.12
CA ALA A 535 -1.10 -4.24 11.12
C ALA A 535 -0.38 -5.35 11.89
N LEU A 536 0.43 -6.14 11.20
CA LEU A 536 1.20 -7.17 11.90
C LEU A 536 2.26 -6.56 12.80
N SER A 537 2.79 -5.39 12.43
CA SER A 537 3.74 -4.69 13.28
C SER A 537 3.04 -3.97 14.43
N PHE A 538 1.82 -3.49 14.21
CA PHE A 538 1.09 -2.72 15.22
C PHE A 538 0.32 -3.61 16.18
N PHE A 539 -0.49 -4.52 15.65
CA PHE A 539 -1.45 -5.28 16.44
C PHE A 539 -0.93 -6.64 16.88
N VAL A 540 -0.23 -7.36 16.01
CA VAL A 540 0.29 -8.68 16.39
C VAL A 540 1.50 -8.53 17.30
N ALA A 541 2.49 -7.73 16.88
CA ALA A 541 3.62 -7.44 17.73
C ALA A 541 3.24 -6.56 18.92
N GLY A 542 2.16 -5.79 18.79
CA GLY A 542 1.71 -4.92 19.86
C GLY A 542 2.36 -3.57 19.94
N LEU A 543 3.19 -3.20 18.96
CA LEU A 543 3.95 -1.96 19.00
C LEU A 543 3.10 -0.84 18.42
N HIS A 544 2.44 -0.10 19.30
CA HIS A 544 1.54 0.99 18.91
C HIS A 544 2.16 2.33 19.28
N LEU A 545 2.21 3.24 18.31
CA LEU A 545 2.56 4.63 18.58
C LEU A 545 1.28 5.38 18.93
N THR A 546 1.23 5.89 20.16
CA THR A 546 0.11 6.71 20.61
C THR A 546 0.51 8.18 20.77
N GLY A 547 1.73 8.53 20.40
CA GLY A 547 2.20 9.90 20.41
C GLY A 547 3.25 10.08 19.35
N SER A 548 3.78 11.31 19.26
CA SER A 548 4.65 11.68 18.16
C SER A 548 5.96 10.90 18.22
N ALA A 549 6.28 10.20 17.12
CA ALA A 549 7.47 9.35 17.02
C ALA A 549 7.54 8.35 18.17
N GLY A 550 6.39 8.01 18.73
CA GLY A 550 6.34 7.11 19.87
C GLY A 550 6.67 7.75 21.19
N ALA A 551 6.45 9.07 21.33
CA ALA A 551 6.62 9.72 22.62
C ALA A 551 5.73 9.07 23.67
N THR A 552 4.51 8.73 23.30
CA THR A 552 3.66 7.83 24.09
C THR A 552 3.40 6.59 23.26
N TRP A 553 3.37 5.43 23.92
CA TRP A 553 3.21 4.16 23.22
C TRP A 553 2.29 3.25 24.01
N ARG A 554 1.88 2.16 23.37
CA ARG A 554 1.06 1.12 24.01
C ARG A 554 1.53 -0.22 23.48
N PHE A 555 2.12 -1.04 24.35
CA PHE A 555 2.55 -2.39 23.98
C PHE A 555 1.43 -3.36 24.34
N ALA A 556 0.61 -3.72 23.35
CA ALA A 556 -0.53 -4.61 23.54
C ALA A 556 -0.53 -5.65 22.42
N PRO A 557 0.26 -6.71 22.56
CA PRO A 557 0.32 -7.72 21.49
C PRO A 557 -0.96 -8.55 21.40
N GLN A 558 -1.37 -8.82 20.16
CA GLN A 558 -2.54 -9.65 19.85
C GLN A 558 -2.10 -10.74 18.89
N PRO A 559 -1.44 -11.80 19.39
CA PRO A 559 -0.81 -12.76 18.47
C PRO A 559 -1.74 -13.81 17.87
N GLY A 560 -2.92 -14.03 18.44
CA GLY A 560 -3.84 -15.00 17.85
C GLY A 560 -3.32 -16.42 17.97
N ASP A 561 -3.26 -17.12 16.84
CA ASP A 561 -2.77 -18.50 16.81
C ASP A 561 -1.26 -18.57 16.65
N LEU A 562 -0.57 -17.44 16.61
CA LEU A 562 0.88 -17.44 16.47
C LEU A 562 1.55 -17.81 17.78
N THR A 563 2.63 -18.58 17.68
CA THR A 563 3.36 -19.05 18.85
C THR A 563 4.63 -18.26 19.11
N SER A 564 5.15 -17.54 18.11
CA SER A 564 6.42 -16.83 18.24
C SER A 564 6.38 -15.62 17.31
N VAL A 565 6.77 -14.45 17.83
CA VAL A 565 6.82 -13.23 17.03
C VAL A 565 8.06 -12.44 17.43
N ASP A 566 8.87 -12.08 16.44
CA ASP A 566 10.05 -11.24 16.61
C ASP A 566 9.94 -10.10 15.61
N ALA A 567 9.61 -8.89 16.09
CA ALA A 567 9.31 -7.78 15.21
C ALA A 567 9.82 -6.49 15.80
N GLY A 568 10.09 -5.52 14.94
CA GLY A 568 10.54 -4.21 15.38
C GLY A 568 10.48 -3.21 14.25
N TYR A 569 10.33 -1.93 14.61
CA TYR A 569 10.45 -0.84 13.65
C TYR A 569 11.06 0.37 14.35
N THR A 570 11.46 1.34 13.54
CA THR A 570 12.29 2.48 13.92
C THR A 570 11.53 3.78 13.75
N THR A 571 11.58 4.66 14.75
CA THR A 571 11.17 6.05 14.61
C THR A 571 12.38 6.95 14.88
N ALA A 572 12.14 8.26 14.94
CA ALA A 572 13.22 9.19 15.24
C ALA A 572 13.74 9.00 16.67
N LEU A 573 12.82 8.74 17.62
CA LEU A 573 13.23 8.60 19.02
C LEU A 573 13.94 7.29 19.30
N GLY A 574 13.75 6.27 18.47
CA GLY A 574 14.47 5.03 18.67
C GLY A 574 13.72 3.85 18.05
N LEU A 575 14.07 2.66 18.52
CA LEU A 575 13.55 1.42 17.99
C LEU A 575 12.43 0.89 18.89
N PHE A 576 11.33 0.45 18.27
CA PHE A 576 10.25 -0.25 18.94
C PHE A 576 10.31 -1.71 18.52
N SER A 577 10.56 -2.60 19.48
CA SER A 577 10.80 -4.00 19.17
C SER A 577 10.13 -4.90 20.20
N THR A 578 10.00 -6.18 19.83
CA THR A 578 9.51 -7.20 20.75
C THR A 578 9.91 -8.58 20.24
N THR A 579 10.23 -9.47 21.18
CA THR A 579 10.48 -10.89 20.90
C THR A 579 9.72 -11.67 21.97
N PHE A 580 8.57 -12.24 21.59
CA PHE A 580 7.78 -13.03 22.54
C PHE A 580 7.48 -14.40 21.96
N LYS A 581 7.44 -15.39 22.85
CA LYS A 581 7.26 -16.80 22.48
C LYS A 581 6.19 -17.39 23.38
N ARG A 582 5.01 -17.63 22.82
CA ARG A 582 3.90 -18.20 23.58
C ARG A 582 3.98 -19.73 23.54
N SER A 583 3.03 -20.38 24.20
CA SER A 583 3.02 -21.81 24.39
C SER A 583 1.71 -22.38 23.85
N GLU A 584 1.53 -23.70 24.01
CA GLU A 584 0.29 -24.35 23.63
C GLU A 584 -0.88 -23.84 24.47
N ASN A 585 -0.61 -23.52 25.74
CA ASN A 585 -1.56 -22.86 26.63
C ASN A 585 -1.91 -21.46 26.18
N GLY A 586 -1.21 -20.91 25.19
CA GLY A 586 -1.42 -19.54 24.79
C GLY A 586 -0.82 -18.52 25.74
N ASP A 587 0.05 -18.95 26.65
CA ASP A 587 0.64 -18.07 27.65
C ASP A 587 2.10 -17.77 27.31
N TYR A 588 2.51 -16.55 27.57
CA TYR A 588 3.86 -16.09 27.24
C TYR A 588 4.88 -16.77 28.14
N GLN A 589 5.64 -17.71 27.60
CA GLN A 589 6.77 -18.25 28.34
C GLN A 589 8.02 -17.38 28.19
N GLU A 590 8.04 -16.50 27.18
CA GLU A 590 9.13 -15.55 26.98
C GLU A 590 8.56 -14.29 26.36
N LEU A 591 8.88 -13.14 26.93
CA LEU A 591 8.49 -11.86 26.33
C LEU A 591 9.51 -10.80 26.70
N THR A 592 10.09 -10.16 25.68
CA THR A 592 10.96 -9.01 25.84
C THR A 592 10.47 -7.93 24.90
N PHE A 593 10.34 -6.69 25.39
CA PHE A 593 9.94 -5.60 24.51
C PHE A 593 10.82 -4.38 24.78
N THR A 594 11.08 -3.63 23.70
CA THR A 594 12.01 -2.51 23.71
C THR A 594 11.31 -1.26 23.21
N THR A 595 11.41 -0.19 23.98
CA THR A 595 10.90 1.13 23.60
C THR A 595 12.00 2.15 23.83
N PRO A 596 11.99 3.26 23.11
CA PRO A 596 13.06 4.26 23.26
C PRO A 596 13.04 4.86 24.66
N GLN A 597 14.20 5.29 25.13
CA GLN A 597 14.29 5.85 26.46
C GLN A 597 13.88 7.32 26.45
N GLY A 598 13.36 7.78 27.58
CA GLY A 598 12.77 9.10 27.64
C GLY A 598 11.35 9.16 27.11
N THR A 599 10.63 8.04 27.18
CA THR A 599 9.28 7.94 26.65
C THR A 599 8.43 7.14 27.63
N THR A 600 7.11 7.21 27.44
CA THR A 600 6.18 6.69 28.42
C THR A 600 5.04 5.93 27.73
N GLY A 601 4.64 4.79 28.31
CA GLY A 601 3.62 3.99 27.67
C GLY A 601 2.90 3.05 28.60
N ASP A 602 1.88 2.39 28.05
CA ASP A 602 1.07 1.40 28.74
C ASP A 602 1.23 0.04 28.07
N VAL A 603 0.94 -1.01 28.83
CA VAL A 603 1.14 -2.38 28.38
C VAL A 603 -0.10 -3.22 28.73
N ASP A 604 -0.61 -3.95 27.75
CA ASP A 604 -1.74 -4.87 27.95
C ASP A 604 -1.34 -6.24 27.43
N LEU A 605 -1.05 -7.17 28.34
CA LEU A 605 -0.65 -8.53 27.99
C LEU A 605 -1.78 -9.53 28.17
N ALA A 606 -3.01 -9.06 28.39
CA ALA A 606 -4.22 -9.88 28.41
C ALA A 606 -4.13 -10.99 29.46
N GLY A 607 -4.25 -10.56 30.72
CA GLY A 607 -4.27 -11.47 31.85
C GLY A 607 -2.95 -12.11 32.20
N ALA A 608 -1.90 -11.90 31.41
CA ALA A 608 -0.60 -12.49 31.71
C ALA A 608 -0.09 -12.01 33.05
N GLU A 609 0.35 -12.95 33.89
CA GLU A 609 0.79 -12.65 35.24
C GLU A 609 2.31 -12.65 35.30
N GLY A 610 2.88 -11.66 35.98
CA GLY A 610 4.31 -11.56 36.11
C GLY A 610 4.71 -10.12 36.39
N THR A 611 6.02 -9.91 36.39
CA THR A 611 6.62 -8.60 36.64
C THR A 611 7.48 -8.20 35.45
N LEU A 612 7.32 -6.97 35.00
CA LEU A 612 8.15 -6.42 33.94
C LEU A 612 9.40 -5.80 34.56
N VAL A 613 10.57 -6.26 34.12
CA VAL A 613 11.85 -5.85 34.70
C VAL A 613 12.66 -5.14 33.63
N SER A 614 13.07 -3.91 33.92
CA SER A 614 13.86 -3.11 33.00
C SER A 614 15.33 -3.52 33.05
N ALA A 615 16.07 -3.17 31.99
CA ALA A 615 17.50 -3.42 31.97
C ALA A 615 18.25 -2.55 32.97
N ASP A 616 17.65 -1.45 33.42
CA ASP A 616 18.26 -0.57 34.40
C ASP A 616 17.70 -0.78 35.80
N GLY A 617 17.01 -1.90 36.04
CA GLY A 617 16.63 -2.31 37.38
C GLY A 617 15.20 -2.04 37.78
N GLU A 618 14.41 -1.38 36.94
CA GLU A 618 13.04 -1.04 37.30
C GLU A 618 12.14 -2.27 37.20
N ARG A 619 11.18 -2.36 38.12
CA ARG A 619 10.28 -3.51 38.20
C ARG A 619 8.85 -3.03 38.39
N VAL A 620 7.95 -3.50 37.53
CA VAL A 620 6.53 -3.12 37.56
C VAL A 620 5.71 -4.40 37.57
N PHE A 621 4.88 -4.57 38.61
CA PHE A 621 4.01 -5.74 38.71
C PHE A 621 2.76 -5.53 37.88
N LEU A 622 2.38 -6.55 37.10
CA LEU A 622 1.23 -6.46 36.22
C LEU A 622 -0.05 -6.79 36.97
N VAL A 623 -1.12 -6.08 36.63
CA VAL A 623 -2.44 -6.28 37.23
C VAL A 623 -3.40 -6.60 36.08
N LYS A 624 -3.70 -7.89 35.90
CA LYS A 624 -4.53 -8.35 34.78
C LYS A 624 -3.85 -8.04 33.45
N GLY A 625 -2.52 -8.21 33.41
CA GLY A 625 -1.75 -7.91 32.23
C GLY A 625 -1.57 -6.43 31.96
N THR A 626 -1.74 -5.60 32.98
CA THR A 626 -1.82 -4.15 32.87
C THR A 626 -0.56 -3.50 33.42
N ALA A 627 0.04 -2.59 32.66
CA ALA A 627 1.11 -1.72 33.14
C ALA A 627 0.83 -0.33 32.63
N THR A 628 0.84 0.67 33.53
CA THR A 628 0.42 2.02 33.20
C THR A 628 1.56 3.00 33.46
N GLY A 629 1.91 3.77 32.45
CA GLY A 629 2.87 4.85 32.60
C GLY A 629 4.30 4.43 32.88
N ILE A 630 4.75 3.33 32.29
CA ILE A 630 6.10 2.85 32.50
C ILE A 630 7.04 3.56 31.55
N THR A 631 8.26 3.82 32.00
CA THR A 631 9.22 4.58 31.22
C THR A 631 9.80 3.73 30.10
N GLY A 632 10.37 4.41 29.10
CA GLY A 632 10.93 3.71 27.97
C GLY A 632 12.15 2.90 28.33
N GLY A 633 12.40 1.88 27.54
CA GLY A 633 13.52 0.98 27.76
C GLY A 633 13.18 -0.42 27.30
N SER A 634 14.09 -1.33 27.59
CA SER A 634 13.89 -2.75 27.26
C SER A 634 13.41 -3.48 28.50
N TRP A 635 12.20 -4.04 28.41
CA TRP A 635 11.56 -4.70 29.53
C TRP A 635 11.39 -6.18 29.24
N ASN A 636 11.64 -7.00 30.27
CA ASN A 636 11.52 -8.45 30.19
C ASN A 636 10.43 -8.92 31.13
N LEU A 637 9.57 -9.82 30.65
CA LEU A 637 8.54 -10.40 31.50
C LEU A 637 9.15 -11.54 32.30
N GLU A 638 9.14 -11.41 33.62
CA GLU A 638 9.71 -12.41 34.52
C GLU A 638 8.58 -13.06 35.32
N VAL A 639 8.48 -14.38 35.22
CA VAL A 639 7.46 -15.13 35.92
C VAL A 639 8.07 -15.88 37.11
#